data_6FZ5
#
_entry.id   6FZ5
#
_cell.length_a   92.390
_cell.length_b   58.160
_cell.length_c   154.001
_cell.angle_alpha   90.00
_cell.angle_beta   92.36
_cell.angle_gamma   90.00
#
_symmetry.space_group_name_H-M   'C 1 2 1'
#
loop_
_entity.id
_entity.type
_entity.pdbx_description
1 polymer 'Glycylpeptide N-tetradecanoyltransferase 1'
2 non-polymer 4-[3-[(8~{a}~{R})-3,4,6,7,8,8~{a}-hexahydro-1~{H}-pyrrolo[1,2-a]pyrazin-2-yl]propyl]-2,6-bis(chloranyl)-~{N}-methyl-~{N}-(1,3,5-trimethylpyrazol-4-yl)benzenesulfonamide
3 non-polymer TETRADECANOYL-COA
4 non-polymer 'MAGNESIUM ION'
5 non-polymer GLYCEROL
6 water water
#
_entity_poly.entity_id   1
_entity_poly.type   'polypeptide(L)'
_entity_poly.pdbx_seq_one_letter_code
;RSYQFWDTQPVPKLGEVVNTHGPVEPDKDNIRQEPYTLPQGFTWDALDLGDRGVLKELYTLLNENYVEDDDNMFRFDYSP
EFLLWALRPPGWLPQWHCGVRVVSSRKLVGFISAIPANIHIYDTEKKMVEINFLCVHKKLRSKRVAPVLIREITRRVHLE
GIFQAVYTAGVVLPKPVGTCRYWHRSLNPRKLIEVKFSHLSRNMTMQRTMKLYRLPETPKTAGLRPMETKDIPVVHQLLT
RYLKQFHLTPVMSQEEVEHWFYPQENIIDTFVVENANGEVTDFLSFYTLPSTIMNHPTHKSLKAAYSFYNVHTQTPLLDL
MSDALVLAKMKGFDVFNALDLMENKTFLEKLKFGIGDGNLQYYLYNWKCPSMGAEKVGLVLQ
;
_entity_poly.pdbx_strand_id   A,B
#
# COMPACT_ATOMS: atom_id res chain seq x y z
N ARG A 1 -37.21 5.21 -5.76
CA ARG A 1 -36.94 4.25 -4.64
C ARG A 1 -36.28 5.00 -3.50
N SER A 2 -36.88 4.94 -2.31
CA SER A 2 -36.23 5.41 -1.08
C SER A 2 -35.14 4.40 -0.67
N TYR A 3 -33.94 4.89 -0.46
CA TYR A 3 -32.76 4.03 -0.24
C TYR A 3 -32.42 3.91 1.25
N GLN A 4 -33.07 2.95 1.93
CA GLN A 4 -32.90 2.73 3.38
C GLN A 4 -31.43 2.60 3.80
N PHE A 5 -30.65 1.82 3.06
CA PHE A 5 -29.24 1.65 3.36
C PHE A 5 -28.40 2.84 2.85
N TRP A 6 -28.52 3.17 1.57
CA TRP A 6 -27.63 4.17 0.95
C TRP A 6 -27.81 5.61 1.43
N ASP A 7 -29.00 5.95 1.92
CA ASP A 7 -29.23 7.22 2.61
C ASP A 7 -28.37 7.42 3.85
N THR A 8 -27.92 6.33 4.47
CA THR A 8 -27.09 6.42 5.68
C THR A 8 -25.60 6.57 5.39
N GLN A 9 -25.22 6.45 4.11
CA GLN A 9 -23.83 6.35 3.72
C GLN A 9 -23.30 7.68 3.22
N PRO A 10 -21.97 7.92 3.34
CA PRO A 10 -21.33 9.12 2.82
C PRO A 10 -21.21 9.12 1.27
N VAL A 11 -22.33 9.33 0.61
CA VAL A 11 -22.42 9.47 -0.84
C VAL A 11 -23.42 10.60 -1.11
N PRO A 12 -23.29 11.33 -2.23
CA PRO A 12 -24.32 12.33 -2.53
C PRO A 12 -25.68 11.69 -2.77
N LYS A 13 -26.73 12.48 -2.61
CA LYS A 13 -28.09 12.02 -2.89
C LYS A 13 -28.32 12.04 -4.40
N LEU A 14 -29.14 11.11 -4.91
CA LEU A 14 -29.58 11.17 -6.31
C LEU A 14 -30.27 12.50 -6.55
N GLY A 15 -29.91 13.18 -7.64
CA GLY A 15 -30.48 14.50 -7.91
C GLY A 15 -30.01 15.63 -6.99
N GLU A 16 -28.92 15.39 -6.25
CA GLU A 16 -28.16 16.47 -5.65
C GLU A 16 -27.28 17.04 -6.77
N VAL A 17 -27.30 18.35 -6.95
CA VAL A 17 -26.34 19.03 -7.83
C VAL A 17 -25.01 19.12 -7.07
N VAL A 18 -23.91 18.70 -7.71
CA VAL A 18 -22.59 18.72 -7.09
C VAL A 18 -21.66 19.66 -7.85
N ASN A 19 -21.33 20.79 -7.21
CA ASN A 19 -20.38 21.77 -7.74
C ASN A 19 -19.01 21.73 -7.05
N THR A 20 -18.88 20.94 -5.98
CA THR A 20 -17.68 20.86 -5.15
C THR A 20 -16.87 19.60 -5.42
N HIS A 21 -15.68 19.51 -4.81
CA HIS A 21 -14.79 18.34 -4.96
C HIS A 21 -14.22 18.02 -3.60
N GLY A 22 -14.42 16.80 -3.10
CA GLY A 22 -13.87 16.40 -1.81
C GLY A 22 -14.65 15.35 -1.06
N PRO A 23 -14.13 14.93 0.10
CA PRO A 23 -14.82 13.90 0.86
C PRO A 23 -16.14 14.39 1.45
N VAL A 24 -17.05 13.45 1.65
CA VAL A 24 -18.37 13.75 2.22
C VAL A 24 -18.27 13.90 3.74
N GLU A 25 -17.46 13.04 4.35
CA GLU A 25 -17.20 13.10 5.78
C GLU A 25 -15.68 13.01 6.03
N PRO A 26 -15.21 13.50 7.20
CA PRO A 26 -13.77 13.39 7.50
C PRO A 26 -13.28 11.95 7.69
N ASP A 27 -11.99 11.73 7.47
CA ASP A 27 -11.34 10.47 7.85
C ASP A 27 -11.62 10.18 9.33
N LYS A 28 -11.91 8.92 9.64
CA LYS A 28 -12.24 8.48 11.02
C LYS A 28 -10.95 8.16 11.77
N ASP A 29 -10.73 8.80 12.92
CA ASP A 29 -9.50 8.53 13.70
C ASP A 29 -9.67 7.45 14.77
N ASN A 30 -10.88 6.88 14.87
CA ASN A 30 -11.11 5.67 15.64
C ASN A 30 -12.06 4.76 14.86
N ILE A 31 -11.73 3.49 14.79
CA ILE A 31 -12.43 2.53 13.96
C ILE A 31 -12.90 1.35 14.80
N ARG A 32 -14.16 0.98 14.58
CA ARG A 32 -14.81 -0.16 15.20
C ARG A 32 -13.93 -1.40 15.05
N GLN A 33 -13.53 -2.01 16.16
CA GLN A 33 -12.65 -3.19 16.11
C GLN A 33 -13.37 -4.50 15.88
N GLU A 34 -14.65 -4.54 16.21
CA GLU A 34 -15.42 -5.79 16.16
C GLU A 34 -16.12 -5.87 14.80
N PRO A 35 -16.08 -7.06 14.15
CA PRO A 35 -16.90 -7.25 12.94
C PRO A 35 -18.38 -6.93 13.20
N TYR A 36 -19.06 -6.46 12.17
CA TYR A 36 -20.49 -6.28 12.23
C TYR A 36 -21.20 -7.60 12.50
N THR A 37 -22.29 -7.53 13.25
CA THR A 37 -23.09 -8.70 13.54
C THR A 37 -23.87 -9.15 12.29
N LEU A 38 -23.78 -10.44 12.02
CA LEU A 38 -24.52 -11.11 10.96
C LEU A 38 -25.75 -11.74 11.57
N PRO A 39 -26.75 -12.11 10.73
CA PRO A 39 -27.89 -12.85 11.29
C PRO A 39 -27.44 -14.16 11.93
N GLN A 40 -28.22 -14.65 12.88
CA GLN A 40 -27.88 -15.86 13.64
C GLN A 40 -27.61 -17.03 12.67
N GLY A 41 -26.58 -17.80 12.96
CA GLY A 41 -26.21 -18.95 12.14
C GLY A 41 -25.24 -18.68 11.02
N PHE A 42 -24.76 -17.44 10.85
CA PHE A 42 -23.73 -17.12 9.85
C PHE A 42 -22.53 -16.47 10.54
N THR A 43 -21.36 -16.58 9.93
CA THR A 43 -20.11 -16.06 10.50
C THR A 43 -19.19 -15.51 9.41
N TRP A 44 -18.32 -14.58 9.77
CA TRP A 44 -17.29 -14.08 8.84
C TRP A 44 -16.19 -15.09 8.63
N ASP A 45 -15.63 -15.11 7.42
CA ASP A 45 -14.38 -15.83 7.17
C ASP A 45 -13.58 -15.17 6.05
N ALA A 46 -12.35 -14.79 6.37
CA ALA A 46 -11.41 -14.29 5.36
C ALA A 46 -10.97 -15.48 4.50
N LEU A 47 -11.14 -15.39 3.19
CA LEU A 47 -10.87 -16.51 2.28
C LEU A 47 -9.43 -16.45 1.79
N ASP A 48 -8.66 -17.50 2.09
CA ASP A 48 -7.30 -17.63 1.58
C ASP A 48 -7.34 -18.26 0.19
N LEU A 49 -7.25 -17.42 -0.83
CA LEU A 49 -7.37 -17.90 -2.23
C LEU A 49 -6.16 -18.67 -2.71
N GLY A 50 -5.08 -18.64 -1.92
CA GLY A 50 -3.95 -19.55 -2.06
C GLY A 50 -4.22 -20.98 -1.65
N ASP A 51 -5.29 -21.22 -0.92
CA ASP A 51 -5.77 -22.57 -0.66
C ASP A 51 -6.69 -22.91 -1.82
N ARG A 52 -6.28 -23.88 -2.65
CA ARG A 52 -7.02 -24.27 -3.87
C ARG A 52 -8.49 -24.62 -3.56
N GLY A 53 -8.72 -25.31 -2.45
CA GLY A 53 -10.07 -25.67 -2.02
C GLY A 53 -10.96 -24.47 -1.76
N VAL A 54 -10.41 -23.46 -1.11
CA VAL A 54 -11.15 -22.25 -0.77
C VAL A 54 -11.47 -21.44 -2.02
N LEU A 55 -10.47 -21.32 -2.91
CA LEU A 55 -10.67 -20.69 -4.20
C LEU A 55 -11.80 -21.38 -4.96
N LYS A 56 -11.79 -22.71 -4.97
CA LYS A 56 -12.83 -23.49 -5.63
C LYS A 56 -14.22 -23.20 -5.03
N GLU A 57 -14.30 -23.04 -3.71
CA GLU A 57 -15.56 -22.69 -3.06
C GLU A 57 -16.06 -21.32 -3.52
N LEU A 58 -15.16 -20.34 -3.64
CA LEU A 58 -15.52 -19.03 -4.15
C LEU A 58 -15.96 -19.08 -5.61
N TYR A 59 -15.15 -19.77 -6.44
CA TYR A 59 -15.50 -20.03 -7.84
C TYR A 59 -16.94 -20.53 -7.94
N THR A 60 -17.31 -21.51 -7.09
CA THR A 60 -18.63 -22.12 -7.13
C THR A 60 -19.74 -21.16 -6.71
N LEU A 61 -19.51 -20.40 -5.63
CA LEU A 61 -20.46 -19.37 -5.17
C LEU A 61 -20.80 -18.41 -6.30
N LEU A 62 -19.74 -17.89 -6.94
CA LEU A 62 -19.92 -16.93 -8.01
C LEU A 62 -20.49 -17.57 -9.26
N ASN A 63 -19.98 -18.75 -9.63
CA ASN A 63 -20.49 -19.51 -10.77
C ASN A 63 -22.00 -19.75 -10.67
N GLU A 64 -22.48 -20.01 -9.46
CA GLU A 64 -23.89 -20.32 -9.20
C GLU A 64 -24.77 -19.13 -8.79
N ASN A 65 -24.17 -18.04 -8.30
CA ASN A 65 -24.96 -16.93 -7.71
C ASN A 65 -24.59 -15.50 -8.11
N TYR A 66 -23.62 -15.31 -9.01
CA TYR A 66 -23.23 -13.95 -9.40
C TYR A 66 -24.11 -13.45 -10.55
N VAL A 67 -23.61 -12.48 -11.33
CA VAL A 67 -24.49 -11.64 -12.15
C VAL A 67 -25.08 -12.44 -13.31
N GLU A 68 -26.40 -12.31 -13.50
CA GLU A 68 -27.10 -12.89 -14.65
C GLU A 68 -27.74 -11.78 -15.45
N ASP A 69 -28.05 -12.06 -16.72
CA ASP A 69 -28.90 -11.15 -17.50
C ASP A 69 -30.32 -11.17 -16.93
N ASP A 70 -31.14 -10.22 -17.35
CA ASP A 70 -32.51 -10.10 -16.85
C ASP A 70 -33.43 -11.27 -17.21
N ASP A 71 -33.16 -11.95 -18.32
CA ASP A 71 -33.96 -13.12 -18.72
C ASP A 71 -33.38 -14.47 -18.27
N ASN A 72 -32.35 -14.46 -17.43
CA ASN A 72 -31.77 -15.68 -16.82
C ASN A 72 -31.32 -16.73 -17.86
N MET A 73 -30.68 -16.26 -18.94
CA MET A 73 -30.10 -17.10 -20.00
C MET A 73 -28.59 -17.25 -19.87
N PHE A 74 -27.93 -16.26 -19.24
CA PHE A 74 -26.47 -16.24 -19.10
C PHE A 74 -26.07 -15.89 -17.66
N ARG A 75 -24.95 -16.46 -17.22
CA ARG A 75 -24.35 -16.10 -15.92
C ARG A 75 -22.84 -16.08 -16.13
N PHE A 76 -22.15 -15.06 -15.59
CA PHE A 76 -20.69 -15.01 -15.69
C PHE A 76 -20.07 -16.28 -15.11
N ASP A 77 -18.99 -16.72 -15.74
CA ASP A 77 -18.26 -17.89 -15.32
C ASP A 77 -16.79 -17.50 -15.11
N TYR A 78 -16.55 -16.67 -14.10
CA TYR A 78 -15.18 -16.30 -13.75
C TYR A 78 -14.39 -17.56 -13.38
N SER A 79 -13.25 -17.82 -14.03
CA SER A 79 -12.42 -19.00 -13.73
C SER A 79 -11.63 -18.77 -12.45
N PRO A 80 -11.20 -19.86 -11.78
CA PRO A 80 -10.33 -19.72 -10.62
C PRO A 80 -9.07 -18.88 -10.85
N GLU A 81 -8.45 -19.07 -12.01
CA GLU A 81 -7.19 -18.40 -12.32
C GLU A 81 -7.47 -16.92 -12.61
N PHE A 82 -8.60 -16.64 -13.26
CA PHE A 82 -9.05 -15.26 -13.43
C PHE A 82 -9.31 -14.60 -12.07
N LEU A 83 -9.96 -15.32 -11.16
CA LEU A 83 -10.27 -14.73 -9.84
C LEU A 83 -8.98 -14.37 -9.11
N LEU A 84 -7.96 -15.24 -9.18
CA LEU A 84 -6.62 -14.91 -8.62
C LEU A 84 -6.02 -13.63 -9.23
N TRP A 85 -6.11 -13.47 -10.55
CA TRP A 85 -5.70 -12.26 -11.26
C TRP A 85 -6.46 -11.03 -10.79
N ALA A 86 -7.79 -11.13 -10.68
CA ALA A 86 -8.61 -9.98 -10.29
C ALA A 86 -8.48 -9.61 -8.78
N LEU A 87 -8.23 -10.61 -7.95
CA LEU A 87 -8.29 -10.44 -6.48
C LEU A 87 -6.95 -10.43 -5.79
N ARG A 88 -5.87 -10.78 -6.50
CA ARG A 88 -4.51 -10.69 -5.91
C ARG A 88 -3.56 -9.82 -6.73
N PRO A 89 -3.96 -8.56 -7.01
CA PRO A 89 -3.00 -7.64 -7.60
C PRO A 89 -2.06 -7.16 -6.51
N PRO A 90 -1.00 -6.42 -6.87
CA PRO A 90 -0.12 -5.88 -5.84
C PRO A 90 -0.85 -5.10 -4.71
N GLY A 91 -0.48 -5.39 -3.48
CA GLY A 91 -1.07 -4.77 -2.29
C GLY A 91 -2.36 -5.44 -1.81
N TRP A 92 -2.75 -6.57 -2.41
CA TRP A 92 -3.93 -7.32 -1.96
C TRP A 92 -3.76 -7.71 -0.50
N LEU A 93 -4.87 -7.76 0.25
CA LEU A 93 -4.85 -8.17 1.66
C LEU A 93 -5.82 -9.30 1.91
N PRO A 94 -5.43 -10.32 2.70
CA PRO A 94 -6.33 -11.47 2.90
C PRO A 94 -7.64 -11.09 3.61
N GLN A 95 -7.59 -10.08 4.48
CA GLN A 95 -8.78 -9.62 5.20
C GLN A 95 -9.78 -8.93 4.27
N TRP A 96 -9.33 -8.53 3.08
CA TRP A 96 -10.21 -7.91 2.10
C TRP A 96 -10.85 -8.90 1.13
N HIS A 97 -10.63 -10.20 1.36
CA HIS A 97 -11.37 -11.26 0.71
C HIS A 97 -12.38 -11.79 1.73
N CYS A 98 -13.49 -11.08 1.82
CA CYS A 98 -14.40 -11.15 2.95
C CYS A 98 -15.56 -12.08 2.68
N GLY A 99 -15.48 -13.30 3.22
CA GLY A 99 -16.52 -14.31 3.07
C GLY A 99 -17.49 -14.39 4.23
N VAL A 100 -18.70 -14.89 3.93
CA VAL A 100 -19.71 -15.25 4.93
C VAL A 100 -19.98 -16.75 4.77
N ARG A 101 -19.91 -17.46 5.90
CA ARG A 101 -20.17 -18.91 5.94
C ARG A 101 -21.32 -19.23 6.88
N VAL A 102 -22.00 -20.34 6.60
CA VAL A 102 -22.99 -20.90 7.50
C VAL A 102 -22.21 -21.49 8.69
N VAL A 103 -22.64 -21.20 9.92
CA VAL A 103 -21.90 -21.65 11.10
C VAL A 103 -21.82 -23.17 11.15
N SER A 104 -22.97 -23.81 11.04
CA SER A 104 -23.08 -25.26 11.22
C SER A 104 -22.33 -26.08 10.17
N SER A 105 -22.49 -25.73 8.90
CA SER A 105 -21.93 -26.51 7.80
C SER A 105 -20.63 -25.92 7.24
N ARG A 106 -20.33 -24.68 7.57
CA ARG A 106 -19.23 -23.91 6.96
C ARG A 106 -19.44 -23.58 5.46
N LYS A 107 -20.64 -23.81 4.91
CA LYS A 107 -20.91 -23.49 3.50
C LYS A 107 -20.72 -22.01 3.20
N LEU A 108 -19.99 -21.69 2.12
CA LEU A 108 -19.81 -20.30 1.70
C LEU A 108 -21.10 -19.80 1.05
N VAL A 109 -21.66 -18.72 1.62
CA VAL A 109 -22.91 -18.13 1.13
C VAL A 109 -22.85 -16.64 0.83
N GLY A 110 -21.70 -16.00 1.06
CA GLY A 110 -21.56 -14.56 0.82
C GLY A 110 -20.13 -14.16 0.58
N PHE A 111 -19.93 -13.09 -0.17
CA PHE A 111 -18.58 -12.59 -0.46
C PHE A 111 -18.62 -11.11 -0.84
N ILE A 112 -17.54 -10.42 -0.52
CA ILE A 112 -17.29 -9.12 -1.06
C ILE A 112 -15.76 -8.93 -1.00
N SER A 113 -15.20 -8.18 -1.96
CA SER A 113 -13.74 -7.95 -2.01
C SER A 113 -13.38 -6.50 -2.16
N ALA A 114 -12.24 -6.14 -1.59
CA ALA A 114 -11.58 -4.88 -1.88
C ALA A 114 -10.14 -5.18 -2.35
N ILE A 115 -9.69 -4.41 -3.35
CA ILE A 115 -8.28 -4.37 -3.74
C ILE A 115 -7.84 -2.92 -3.76
N PRO A 116 -6.58 -2.64 -3.39
CA PRO A 116 -6.14 -1.25 -3.35
C PRO A 116 -5.88 -0.72 -4.77
N ALA A 117 -6.07 0.57 -4.95
CA ALA A 117 -5.80 1.25 -6.21
C ALA A 117 -5.57 2.72 -5.94
N ASN A 118 -4.55 3.29 -6.56
CA ASN A 118 -4.39 4.73 -6.59
C ASN A 118 -5.28 5.24 -7.71
N ILE A 119 -6.15 6.19 -7.36
CA ILE A 119 -7.18 6.69 -8.29
C ILE A 119 -7.01 8.19 -8.51
N HIS A 120 -6.97 8.58 -9.78
CA HIS A 120 -6.99 10.00 -10.19
CA HIS A 120 -7.00 9.99 -10.17
C HIS A 120 -8.45 10.38 -10.46
N ILE A 121 -8.94 11.38 -9.72
CA ILE A 121 -10.29 11.89 -9.90
C ILE A 121 -10.23 13.41 -10.01
N TYR A 122 -10.47 13.90 -11.23
CA TYR A 122 -10.27 15.29 -11.56
C TYR A 122 -8.85 15.73 -11.14
N ASP A 123 -8.72 16.69 -10.24
CA ASP A 123 -7.41 17.24 -9.86
C ASP A 123 -6.80 16.54 -8.64
N THR A 124 -7.36 15.41 -8.21
CA THR A 124 -6.90 14.74 -7.00
C THR A 124 -6.48 13.31 -7.32
N GLU A 125 -5.36 12.89 -6.73
CA GLU A 125 -4.99 11.50 -6.67
C GLU A 125 -5.17 11.04 -5.22
N LYS A 126 -5.88 9.93 -5.05
CA LYS A 126 -6.15 9.32 -3.74
C LYS A 126 -5.88 7.83 -3.79
N LYS A 127 -5.25 7.31 -2.76
CA LYS A 127 -5.28 5.88 -2.51
C LYS A 127 -6.73 5.50 -2.13
N MET A 128 -7.29 4.55 -2.86
CA MET A 128 -8.65 4.08 -2.65
C MET A 128 -8.65 2.56 -2.66
N VAL A 129 -9.84 1.96 -2.57
CA VAL A 129 -10.01 0.55 -2.94
C VAL A 129 -11.05 0.45 -4.01
N GLU A 130 -10.98 -0.66 -4.75
CA GLU A 130 -11.98 -1.03 -5.72
C GLU A 130 -12.78 -2.18 -5.12
N ILE A 131 -14.10 -2.05 -5.10
CA ILE A 131 -14.95 -3.08 -4.56
C ILE A 131 -15.55 -3.88 -5.70
N ASN A 132 -15.52 -5.20 -5.59
CA ASN A 132 -16.06 -6.08 -6.61
C ASN A 132 -16.48 -7.41 -6.00
N PHE A 133 -17.22 -8.21 -6.78
CA PHE A 133 -17.61 -9.58 -6.40
C PHE A 133 -18.52 -9.66 -5.16
N LEU A 134 -19.29 -8.61 -4.94
CA LEU A 134 -20.38 -8.65 -3.95
C LEU A 134 -21.36 -9.71 -4.40
N CYS A 135 -21.55 -10.75 -3.58
CA CYS A 135 -22.40 -11.87 -3.95
C CYS A 135 -23.02 -12.47 -2.71
N VAL A 136 -24.35 -12.59 -2.75
CA VAL A 136 -25.10 -13.29 -1.72
C VAL A 136 -25.81 -14.45 -2.40
N HIS A 137 -25.65 -15.64 -1.82
CA HIS A 137 -26.27 -16.87 -2.31
C HIS A 137 -27.78 -16.65 -2.53
N LYS A 138 -28.32 -17.23 -3.60
CA LYS A 138 -29.74 -17.01 -3.95
C LYS A 138 -30.71 -17.26 -2.80
N LYS A 139 -30.44 -18.30 -2.00
CA LYS A 139 -31.26 -18.62 -0.83
C LYS A 139 -31.13 -17.65 0.37
N LEU A 140 -30.17 -16.72 0.33
CA LEU A 140 -30.02 -15.66 1.34
C LEU A 140 -30.49 -14.28 0.87
N ARG A 141 -31.12 -14.21 -0.30
CA ARG A 141 -31.46 -12.91 -0.92
C ARG A 141 -32.58 -12.19 -0.17
N SER A 142 -32.56 -10.86 -0.27
CA SER A 142 -33.57 -9.97 0.34
C SER A 142 -33.72 -10.16 1.87
N LYS A 143 -32.61 -10.46 2.55
CA LYS A 143 -32.57 -10.57 4.02
C LYS A 143 -31.60 -9.55 4.62
N ARG A 144 -31.32 -8.48 3.87
CA ARG A 144 -30.43 -7.38 4.27
C ARG A 144 -28.98 -7.79 4.61
N VAL A 145 -28.47 -8.83 3.94
CA VAL A 145 -27.08 -9.29 4.11
C VAL A 145 -26.09 -8.41 3.35
N ALA A 146 -26.48 -7.91 2.18
CA ALA A 146 -25.56 -7.07 1.39
C ALA A 146 -25.11 -5.80 2.14
N PRO A 147 -26.04 -5.10 2.83
CA PRO A 147 -25.59 -3.96 3.62
C PRO A 147 -24.56 -4.31 4.68
N VAL A 148 -24.66 -5.51 5.25
CA VAL A 148 -23.73 -5.94 6.29
C VAL A 148 -22.35 -6.23 5.66
N LEU A 149 -22.35 -6.87 4.51
CA LEU A 149 -21.16 -7.06 3.72
C LEU A 149 -20.48 -5.74 3.34
N ILE A 150 -21.27 -4.74 2.94
CA ILE A 150 -20.72 -3.42 2.56
C ILE A 150 -20.12 -2.68 3.77
N ARG A 151 -20.84 -2.68 4.88
CA ARG A 151 -20.33 -2.08 6.13
C ARG A 151 -19.06 -2.74 6.65
N GLU A 152 -19.03 -4.07 6.59
CA GLU A 152 -17.88 -4.83 7.05
C GLU A 152 -16.65 -4.61 6.18
N ILE A 153 -16.79 -4.63 4.86
CA ILE A 153 -15.63 -4.34 4.02
C ILE A 153 -15.18 -2.89 4.23
N THR A 154 -16.14 -1.97 4.38
CA THR A 154 -15.84 -0.58 4.69
C THR A 154 -14.99 -0.46 5.97
N ARG A 155 -15.42 -1.15 7.01
CA ARG A 155 -14.69 -1.22 8.30
C ARG A 155 -13.25 -1.72 8.13
N ARG A 156 -13.10 -2.84 7.44
CA ARG A 156 -11.80 -3.46 7.17
C ARG A 156 -10.88 -2.63 6.32
N VAL A 157 -11.46 -1.83 5.44
CA VAL A 157 -10.71 -0.87 4.64
C VAL A 157 -10.31 0.33 5.50
N HIS A 158 -11.24 0.85 6.29
CA HIS A 158 -10.97 1.94 7.24
C HIS A 158 -9.78 1.64 8.17
N LEU A 159 -9.68 0.39 8.63
CA LEU A 159 -8.61 -0.08 9.52
C LEU A 159 -7.23 0.08 8.88
N GLU A 160 -7.17 -0.02 7.56
CA GLU A 160 -5.95 0.20 6.80
C GLU A 160 -5.72 1.66 6.39
N GLY A 161 -6.56 2.57 6.86
CA GLY A 161 -6.37 3.99 6.64
C GLY A 161 -6.86 4.53 5.32
N ILE A 162 -7.77 3.82 4.67
CA ILE A 162 -8.31 4.24 3.38
C ILE A 162 -9.80 4.59 3.57
N PHE A 163 -10.19 5.75 3.04
CA PHE A 163 -11.50 6.32 3.30
C PHE A 163 -12.33 6.60 2.05
N GLN A 164 -11.83 6.19 0.90
CA GLN A 164 -12.55 6.29 -0.35
C GLN A 164 -12.51 4.97 -1.13
N ALA A 165 -13.55 4.76 -1.93
CA ALA A 165 -13.61 3.61 -2.82
C ALA A 165 -14.26 3.95 -4.14
N VAL A 166 -13.96 3.11 -5.12
CA VAL A 166 -14.59 3.19 -6.42
C VAL A 166 -15.23 1.84 -6.69
N TYR A 167 -16.39 1.86 -7.36
CA TYR A 167 -17.11 0.62 -7.64
C TYR A 167 -18.06 0.86 -8.81
N THR A 168 -18.44 -0.24 -9.45
CA THR A 168 -19.44 -0.19 -10.54
C THR A 168 -20.57 -1.16 -10.28
N ALA A 169 -21.73 -0.86 -10.85
CA ALA A 169 -22.91 -1.73 -10.75
C ALA A 169 -23.86 -1.49 -11.93
N GLY A 170 -24.69 -2.49 -12.22
CA GLY A 170 -25.76 -2.35 -13.20
C GLY A 170 -26.98 -1.60 -12.70
N VAL A 171 -27.06 -1.36 -11.39
CA VAL A 171 -28.20 -0.71 -10.78
C VAL A 171 -27.91 0.76 -10.46
N VAL A 172 -28.98 1.56 -10.40
CA VAL A 172 -28.87 2.96 -10.04
C VAL A 172 -28.97 3.11 -8.52
N LEU A 173 -27.91 3.68 -7.94
CA LEU A 173 -27.77 3.94 -6.52
C LEU A 173 -27.35 5.41 -6.38
N PRO A 174 -27.46 5.98 -5.17
CA PRO A 174 -26.89 7.30 -4.96
C PRO A 174 -25.35 7.19 -4.93
N LYS A 175 -24.59 7.92 -5.76
CA LYS A 175 -25.03 8.68 -6.92
C LYS A 175 -23.98 8.45 -8.03
N PRO A 176 -24.41 8.11 -9.25
CA PRO A 176 -23.36 7.80 -10.26
C PRO A 176 -22.44 9.01 -10.60
N VAL A 177 -21.13 8.78 -10.60
CA VAL A 177 -20.18 9.76 -11.19
C VAL A 177 -20.17 9.71 -12.70
N GLY A 178 -20.53 8.57 -13.28
CA GLY A 178 -20.67 8.44 -14.71
C GLY A 178 -21.46 7.21 -15.07
N THR A 179 -22.07 7.24 -16.24
CA THR A 179 -22.87 6.14 -16.75
C THR A 179 -22.32 5.71 -18.12
N CYS A 180 -21.91 4.44 -18.22
CA CYS A 180 -21.48 3.84 -19.47
C CYS A 180 -22.49 2.82 -19.96
N ARG A 181 -22.31 2.42 -21.21
CA ARG A 181 -23.17 1.51 -21.91
C ARG A 181 -22.31 0.43 -22.57
N TYR A 182 -22.72 -0.83 -22.42
CA TYR A 182 -22.06 -1.94 -23.12
C TYR A 182 -22.44 -1.98 -24.60
N TRP A 183 -21.42 -2.18 -25.43
CA TRP A 183 -21.55 -2.47 -26.86
C TRP A 183 -20.90 -3.83 -27.18
N HIS A 184 -21.41 -4.48 -28.22
CA HIS A 184 -21.06 -5.87 -28.51
C HIS A 184 -20.72 -6.01 -29.99
N ARG A 185 -19.58 -6.65 -30.26
CA ARG A 185 -19.18 -6.94 -31.64
C ARG A 185 -19.25 -8.45 -31.91
N SER A 186 -20.19 -8.86 -32.75
CA SER A 186 -20.32 -10.26 -33.15
C SER A 186 -19.06 -10.76 -33.83
N LEU A 187 -18.53 -11.87 -33.32
CA LEU A 187 -17.44 -12.61 -33.95
C LEU A 187 -17.93 -13.92 -34.55
N ASN A 188 -18.81 -14.61 -33.83
CA ASN A 188 -19.44 -15.85 -34.30
C ASN A 188 -20.96 -15.61 -34.30
N PRO A 189 -21.50 -14.92 -35.32
CA PRO A 189 -22.93 -14.56 -35.31
C PRO A 189 -23.90 -15.72 -35.26
N ARG A 190 -23.59 -16.86 -35.89
CA ARG A 190 -24.44 -18.05 -35.87
C ARG A 190 -24.72 -18.53 -34.44
N LYS A 191 -23.66 -18.72 -33.65
CA LYS A 191 -23.80 -19.15 -32.25
C LYS A 191 -24.55 -18.11 -31.38
N LEU A 192 -24.22 -16.83 -31.55
CA LEU A 192 -24.89 -15.76 -30.81
C LEU A 192 -26.39 -15.71 -31.10
N ILE A 193 -26.78 -15.93 -32.36
CA ILE A 193 -28.19 -16.00 -32.74
C ILE A 193 -28.81 -17.30 -32.23
N GLU A 194 -28.11 -18.43 -32.36
CA GLU A 194 -28.59 -19.72 -31.84
C GLU A 194 -28.90 -19.69 -30.35
N VAL A 195 -28.04 -19.02 -29.56
CA VAL A 195 -28.25 -18.92 -28.10
C VAL A 195 -29.06 -17.69 -27.65
N LYS A 196 -29.60 -16.92 -28.60
CA LYS A 196 -30.46 -15.76 -28.33
C LYS A 196 -29.75 -14.62 -27.58
N PHE A 197 -28.45 -14.48 -27.83
CA PHE A 197 -27.69 -13.31 -27.41
C PHE A 197 -27.95 -12.17 -28.41
N SER A 198 -27.96 -12.52 -29.71
CA SER A 198 -28.32 -11.61 -30.80
C SER A 198 -29.55 -12.17 -31.46
N HIS A 199 -30.22 -11.36 -32.28
CA HIS A 199 -31.32 -11.86 -33.10
C HIS A 199 -31.15 -11.43 -34.56
N LEU A 200 -31.52 -12.33 -35.47
CA LEU A 200 -31.44 -12.07 -36.90
C LEU A 200 -32.47 -10.99 -37.28
N SER A 201 -32.00 -9.89 -37.87
CA SER A 201 -32.89 -8.90 -38.50
C SER A 201 -33.72 -9.61 -39.57
N ARG A 202 -35.06 -9.52 -39.48
CA ARG A 202 -35.99 -10.14 -40.45
C ARG A 202 -35.70 -9.80 -41.92
N ASN A 203 -35.04 -8.67 -42.13
CA ASN A 203 -34.39 -8.32 -43.39
C ASN A 203 -33.42 -9.40 -43.93
N MET A 204 -32.47 -9.81 -43.10
CA MET A 204 -31.25 -10.50 -43.54
C MET A 204 -31.29 -12.03 -43.41
N THR A 205 -30.47 -12.71 -44.19
CA THR A 205 -30.18 -14.15 -44.05
C THR A 205 -29.00 -14.39 -43.10
N MET A 206 -28.82 -15.67 -42.76
CA MET A 206 -27.69 -16.12 -41.94
C MET A 206 -26.38 -15.95 -42.73
N GLN A 207 -26.40 -16.28 -44.02
CA GLN A 207 -25.21 -16.10 -44.87
C GLN A 207 -24.85 -14.62 -45.02
N ARG A 208 -25.85 -13.77 -45.15
CA ARG A 208 -25.67 -12.30 -45.19
C ARG A 208 -25.05 -11.78 -43.90
N THR A 209 -25.57 -12.22 -42.77
CA THR A 209 -25.10 -11.80 -41.46
C THR A 209 -23.65 -12.24 -41.19
N MET A 210 -23.32 -13.47 -41.60
CA MET A 210 -21.96 -13.97 -41.51
C MET A 210 -21.00 -13.16 -42.39
N LYS A 211 -21.42 -12.89 -43.64
CA LYS A 211 -20.66 -12.01 -44.54
C LYS A 211 -20.44 -10.63 -43.92
N LEU A 212 -21.49 -10.03 -43.35
CA LEU A 212 -21.41 -8.71 -42.72
C LEU A 212 -20.36 -8.63 -41.60
N TYR A 213 -20.31 -9.66 -40.76
CA TYR A 213 -19.40 -9.65 -39.60
C TYR A 213 -18.05 -10.35 -39.81
N ARG A 214 -17.82 -10.89 -41.02
CA ARG A 214 -16.54 -11.49 -41.40
C ARG A 214 -15.39 -10.53 -41.12
N LEU A 215 -14.30 -11.07 -40.59
CA LEU A 215 -13.08 -10.29 -40.33
C LEU A 215 -11.93 -10.90 -41.13
N PRO A 216 -10.88 -10.11 -41.41
CA PRO A 216 -9.65 -10.70 -41.99
C PRO A 216 -9.08 -11.83 -41.10
N GLU A 217 -8.29 -12.72 -41.70
CA GLU A 217 -7.68 -13.86 -40.99
C GLU A 217 -6.45 -13.47 -40.19
N THR A 218 -5.87 -12.31 -40.50
CA THR A 218 -4.70 -11.80 -39.79
C THR A 218 -4.77 -10.28 -39.60
N PRO A 219 -4.08 -9.77 -38.57
CA PRO A 219 -4.15 -8.33 -38.29
C PRO A 219 -3.38 -7.50 -39.31
N LYS A 220 -3.77 -6.23 -39.50
CA LYS A 220 -3.15 -5.36 -40.51
C LYS A 220 -1.98 -4.49 -39.99
N THR A 221 -1.96 -4.19 -38.69
CA THR A 221 -0.99 -3.24 -38.17
C THR A 221 0.41 -3.84 -38.17
N ALA A 222 1.33 -3.09 -38.80
CA ALA A 222 2.76 -3.42 -38.89
C ALA A 222 3.40 -3.59 -37.53
N GLY A 223 3.96 -4.78 -37.28
CA GLY A 223 4.77 -4.98 -36.07
C GLY A 223 3.97 -5.21 -34.78
N LEU A 224 2.69 -5.56 -34.93
CA LEU A 224 1.89 -6.07 -33.85
C LEU A 224 2.51 -7.39 -33.38
N ARG A 225 2.61 -7.56 -32.08
CA ARG A 225 3.09 -8.81 -31.46
C ARG A 225 2.66 -8.87 -29.99
N PRO A 226 2.67 -10.08 -29.38
CA PRO A 226 2.34 -10.15 -27.94
C PRO A 226 3.31 -9.38 -27.07
N MET A 227 2.77 -8.78 -26.00
CA MET A 227 3.59 -8.16 -24.96
C MET A 227 4.52 -9.18 -24.31
N GLU A 228 5.73 -8.73 -24.01
CA GLU A 228 6.74 -9.55 -23.37
C GLU A 228 7.30 -8.76 -22.21
N THR A 229 8.11 -9.42 -21.39
CA THR A 229 8.67 -8.82 -20.17
C THR A 229 9.38 -7.51 -20.44
N LYS A 230 10.18 -7.47 -21.51
CA LYS A 230 10.91 -6.24 -21.89
C LYS A 230 10.02 -5.03 -22.20
N ASP A 231 8.74 -5.28 -22.53
CA ASP A 231 7.75 -4.21 -22.79
C ASP A 231 7.09 -3.60 -21.54
N ILE A 232 7.34 -4.16 -20.36
CA ILE A 232 6.64 -3.69 -19.15
C ILE A 232 6.84 -2.18 -18.92
N PRO A 233 8.08 -1.65 -18.99
CA PRO A 233 8.29 -0.21 -18.80
C PRO A 233 7.61 0.70 -19.79
N VAL A 234 7.70 0.38 -21.07
CA VAL A 234 7.09 1.21 -22.09
C VAL A 234 5.55 1.10 -22.09
N VAL A 235 5.01 -0.08 -21.82
CA VAL A 235 3.55 -0.21 -21.65
C VAL A 235 3.10 0.72 -20.49
N HIS A 236 3.84 0.71 -19.38
CA HIS A 236 3.55 1.60 -18.24
C HIS A 236 3.63 3.08 -18.66
N GLN A 237 4.65 3.43 -19.42
CA GLN A 237 4.82 4.80 -19.90
C GLN A 237 3.67 5.23 -20.78
N LEU A 238 3.35 4.39 -21.77
CA LEU A 238 2.26 4.67 -22.70
C LEU A 238 0.94 4.86 -21.96
N LEU A 239 0.62 3.94 -21.08
CA LEU A 239 -0.65 3.98 -20.34
C LEU A 239 -0.72 5.24 -19.48
N THR A 240 0.36 5.53 -18.74
CA THR A 240 0.37 6.66 -17.82
C THR A 240 0.10 7.98 -18.55
N ARG A 241 0.75 8.18 -19.69
CA ARG A 241 0.58 9.41 -20.45
C ARG A 241 -0.80 9.48 -21.10
N TYR A 242 -1.26 8.35 -21.63
CA TYR A 242 -2.54 8.30 -22.33
C TYR A 242 -3.74 8.61 -21.40
N LEU A 243 -3.68 8.10 -20.16
CA LEU A 243 -4.78 8.27 -19.21
C LEU A 243 -4.95 9.69 -18.66
N LYS A 244 -3.97 10.58 -18.84
CA LYS A 244 -4.07 11.95 -18.28
C LYS A 244 -5.25 12.76 -18.85
N GLN A 245 -5.68 12.42 -20.06
CA GLN A 245 -6.79 13.13 -20.70
C GLN A 245 -8.18 12.85 -20.08
N PHE A 246 -8.32 11.77 -19.32
CA PHE A 246 -9.61 11.41 -18.72
C PHE A 246 -9.68 11.91 -17.27
N HIS A 247 -10.88 11.88 -16.70
CA HIS A 247 -11.15 12.46 -15.37
C HIS A 247 -11.24 11.44 -14.24
N LEU A 248 -11.40 10.15 -14.57
CA LEU A 248 -11.38 9.07 -13.59
C LEU A 248 -10.53 7.95 -14.14
N THR A 249 -9.36 7.73 -13.55
CA THR A 249 -8.43 6.75 -14.06
C THR A 249 -7.66 6.09 -12.91
N PRO A 250 -7.09 4.90 -13.17
CA PRO A 250 -6.12 4.36 -12.23
C PRO A 250 -4.76 5.02 -12.47
N VAL A 251 -3.93 5.03 -11.44
CA VAL A 251 -2.55 5.46 -11.54
C VAL A 251 -1.76 4.22 -11.14
N MET A 252 -1.22 3.50 -12.13
CA MET A 252 -0.61 2.20 -11.89
C MET A 252 0.92 2.31 -11.71
N SER A 253 1.46 1.57 -10.76
CA SER A 253 2.93 1.39 -10.64
C SER A 253 3.35 0.45 -11.75
N GLN A 254 4.65 0.32 -11.94
CA GLN A 254 5.15 -0.60 -12.98
C GLN A 254 4.83 -2.05 -12.62
N GLU A 255 4.84 -2.38 -11.33
CA GLU A 255 4.43 -3.71 -10.87
C GLU A 255 2.96 -3.98 -11.14
N GLU A 256 2.11 -2.98 -10.93
CA GLU A 256 0.68 -3.12 -11.28
C GLU A 256 0.50 -3.29 -12.79
N VAL A 257 1.28 -2.56 -13.58
CA VAL A 257 1.20 -2.73 -15.05
C VAL A 257 1.55 -4.17 -15.42
N GLU A 258 2.64 -4.69 -14.85
CA GLU A 258 2.97 -6.09 -15.05
C GLU A 258 1.79 -6.98 -14.72
N HIS A 259 1.24 -6.82 -13.51
CA HIS A 259 0.09 -7.64 -13.11
C HIS A 259 -1.09 -7.57 -14.08
N TRP A 260 -1.49 -6.38 -14.45
CA TRP A 260 -2.74 -6.21 -15.17
C TRP A 260 -2.64 -6.52 -16.67
N PHE A 261 -1.43 -6.44 -17.23
CA PHE A 261 -1.26 -6.55 -18.69
C PHE A 261 -0.41 -7.70 -19.22
N TYR A 262 0.56 -8.20 -18.45
CA TYR A 262 1.38 -9.31 -18.89
C TYR A 262 0.51 -10.50 -19.22
N PRO A 263 0.66 -11.06 -20.44
CA PRO A 263 -0.35 -12.02 -20.89
C PRO A 263 -0.37 -13.33 -20.11
N GLN A 264 -1.59 -13.78 -19.82
CA GLN A 264 -1.82 -15.06 -19.17
C GLN A 264 -2.92 -15.71 -19.98
N GLU A 265 -2.63 -16.89 -20.53
CA GLU A 265 -3.60 -17.54 -21.42
C GLU A 265 -4.93 -17.75 -20.70
N ASN A 266 -6.01 -17.46 -21.43
CA ASN A 266 -7.41 -17.57 -20.97
C ASN A 266 -7.78 -16.57 -19.87
N ILE A 267 -6.98 -15.51 -19.69
CA ILE A 267 -7.24 -14.49 -18.69
C ILE A 267 -7.07 -13.09 -19.29
N ILE A 268 -5.86 -12.74 -19.70
CA ILE A 268 -5.57 -11.39 -20.19
C ILE A 268 -4.63 -11.50 -21.38
N ASP A 269 -4.95 -10.75 -22.42
CA ASP A 269 -4.15 -10.68 -23.64
C ASP A 269 -3.76 -9.25 -23.88
N THR A 270 -2.47 -9.02 -24.15
CA THR A 270 -1.98 -7.69 -24.49
C THR A 270 -1.05 -7.86 -25.70
N PHE A 271 -1.30 -7.04 -26.72
CA PHE A 271 -0.46 -7.00 -27.93
C PHE A 271 0.08 -5.57 -28.06
N VAL A 272 1.37 -5.46 -28.38
CA VAL A 272 2.03 -4.16 -28.51
C VAL A 272 2.37 -3.98 -29.99
N VAL A 273 2.52 -2.73 -30.43
CA VAL A 273 2.99 -2.41 -31.77
C VAL A 273 4.42 -1.92 -31.64
N GLU A 274 5.35 -2.67 -32.20
CA GLU A 274 6.78 -2.30 -32.26
C GLU A 274 7.08 -1.89 -33.70
N ASN A 275 7.39 -0.62 -33.91
CA ASN A 275 7.56 -0.05 -35.25
C ASN A 275 8.93 -0.43 -35.86
N ALA A 276 9.20 0.13 -37.03
CA ALA A 276 10.39 -0.14 -37.83
C ALA A 276 11.69 0.36 -37.18
N ASN A 277 11.54 1.29 -36.22
CA ASN A 277 12.65 1.75 -35.39
C ASN A 277 12.87 0.90 -34.13
N GLY A 278 12.02 -0.09 -33.88
CA GLY A 278 12.10 -0.90 -32.66
C GLY A 278 11.42 -0.30 -31.43
N GLU A 279 10.69 0.81 -31.60
CA GLU A 279 9.99 1.50 -30.51
C GLU A 279 8.56 0.97 -30.37
N VAL A 280 8.11 0.75 -29.14
CA VAL A 280 6.72 0.36 -28.87
C VAL A 280 5.88 1.62 -28.76
N THR A 281 4.92 1.77 -29.67
CA THR A 281 4.15 3.01 -29.79
C THR A 281 2.65 2.88 -29.46
N ASP A 282 2.16 1.65 -29.36
CA ASP A 282 0.74 1.39 -29.14
C ASP A 282 0.57 0.04 -28.44
N PHE A 283 -0.57 -0.13 -27.76
CA PHE A 283 -0.95 -1.47 -27.32
C PHE A 283 -2.45 -1.61 -27.21
N LEU A 284 -2.90 -2.84 -27.35
CA LEU A 284 -4.30 -3.21 -27.17
C LEU A 284 -4.34 -4.30 -26.13
N SER A 285 -5.46 -4.39 -25.40
CA SER A 285 -5.63 -5.50 -24.45
C SER A 285 -7.08 -5.82 -24.22
N PHE A 286 -7.32 -7.09 -23.91
CA PHE A 286 -8.67 -7.56 -23.61
C PHE A 286 -8.62 -8.78 -22.69
N TYR A 287 -9.58 -8.88 -21.77
CA TYR A 287 -9.61 -10.03 -20.86
C TYR A 287 -10.67 -11.02 -21.26
N THR A 288 -10.50 -12.24 -20.74
CA THR A 288 -11.35 -13.40 -21.05
C THR A 288 -12.34 -13.63 -19.93
N LEU A 289 -13.64 -13.59 -20.27
CA LEU A 289 -14.67 -13.86 -19.25
C LEU A 289 -15.86 -14.52 -19.92
N PRO A 290 -15.93 -15.87 -19.87
CA PRO A 290 -17.07 -16.54 -20.49
C PRO A 290 -18.32 -16.46 -19.63
N SER A 291 -19.46 -16.70 -20.25
CA SER A 291 -20.72 -16.82 -19.50
C SER A 291 -21.31 -18.19 -19.70
N THR A 292 -21.84 -18.78 -18.62
CA THR A 292 -22.54 -20.04 -18.72
C THR A 292 -23.85 -19.73 -19.46
N ILE A 293 -24.24 -20.60 -20.37
CA ILE A 293 -25.50 -20.47 -21.10
C ILE A 293 -26.43 -21.51 -20.47
N MET A 294 -27.52 -21.07 -19.87
CA MET A 294 -28.49 -21.99 -19.26
C MET A 294 -29.56 -22.39 -20.28
N ASN A 295 -29.97 -23.66 -20.26
CA ASN A 295 -31.11 -24.14 -21.02
C ASN A 295 -30.99 -24.24 -22.54
N HIS A 296 -29.77 -24.22 -23.09
CA HIS A 296 -29.60 -24.45 -24.54
C HIS A 296 -29.08 -25.88 -24.81
N PRO A 297 -29.74 -26.63 -25.72
CA PRO A 297 -29.38 -28.02 -26.02
C PRO A 297 -27.94 -28.30 -26.41
N THR A 298 -27.34 -27.42 -27.22
CA THR A 298 -26.03 -27.70 -27.83
C THR A 298 -24.86 -26.83 -27.34
N HIS A 299 -25.15 -25.63 -26.87
CA HIS A 299 -24.12 -24.64 -26.52
C HIS A 299 -24.20 -24.43 -25.02
N LYS A 300 -23.05 -24.57 -24.34
CA LYS A 300 -22.97 -24.47 -22.88
C LYS A 300 -22.25 -23.24 -22.35
N SER A 301 -21.36 -22.65 -23.14
CA SER A 301 -20.56 -21.50 -22.70
C SER A 301 -20.39 -20.47 -23.82
N LEU A 302 -20.58 -19.21 -23.48
CA LEU A 302 -20.41 -18.08 -24.40
C LEU A 302 -19.04 -17.47 -24.15
N LYS A 303 -18.17 -17.51 -25.16
CA LYS A 303 -16.80 -17.00 -24.99
C LYS A 303 -16.74 -15.53 -25.36
N ALA A 304 -16.61 -14.67 -24.34
CA ALA A 304 -16.56 -13.21 -24.51
C ALA A 304 -15.20 -12.64 -24.15
N ALA A 305 -14.73 -11.75 -25.02
CA ALA A 305 -13.56 -10.93 -24.78
C ALA A 305 -14.04 -9.55 -24.39
N TYR A 306 -13.41 -8.97 -23.39
CA TYR A 306 -13.75 -7.62 -22.93
C TYR A 306 -12.59 -6.68 -23.16
N SER A 307 -12.88 -5.60 -23.87
CA SER A 307 -11.90 -4.51 -24.08
C SER A 307 -11.41 -4.01 -22.72
N PHE A 308 -10.11 -3.84 -22.59
CA PHE A 308 -9.51 -3.46 -21.32
C PHE A 308 -8.93 -2.06 -21.51
N TYR A 309 -7.61 -1.92 -21.69
CA TYR A 309 -7.01 -0.62 -22.00
C TYR A 309 -6.31 -0.68 -23.36
N ASN A 310 -6.59 0.32 -24.21
CA ASN A 310 -6.05 0.43 -25.57
C ASN A 310 -5.42 1.80 -25.70
N VAL A 311 -4.12 1.83 -25.93
CA VAL A 311 -3.38 3.06 -26.00
C VAL A 311 -2.87 3.21 -27.43
N HIS A 312 -3.18 4.37 -28.02
CA HIS A 312 -2.70 4.73 -29.36
C HIS A 312 -1.88 6.01 -29.29
N THR A 313 -0.69 5.99 -29.90
CA THR A 313 0.11 7.21 -30.17
C THR A 313 0.51 7.38 -31.65
N GLN A 314 0.72 6.27 -32.37
CA GLN A 314 1.08 6.31 -33.81
C GLN A 314 0.13 5.54 -34.72
N THR A 315 -0.36 4.38 -34.29
CA THR A 315 -1.42 3.65 -34.99
C THR A 315 -2.79 4.29 -34.75
N PRO A 316 -3.59 4.49 -35.82
CA PRO A 316 -4.95 4.96 -35.57
C PRO A 316 -5.78 3.98 -34.72
N LEU A 317 -6.48 4.50 -33.72
CA LEU A 317 -7.27 3.68 -32.79
C LEU A 317 -8.23 2.74 -33.53
N LEU A 318 -8.83 3.26 -34.59
CA LEU A 318 -9.72 2.47 -35.44
C LEU A 318 -9.02 1.19 -35.93
N ASP A 319 -7.78 1.32 -36.39
CA ASP A 319 -6.97 0.19 -36.83
C ASP A 319 -6.57 -0.74 -35.68
N LEU A 320 -6.15 -0.18 -34.55
CA LEU A 320 -5.82 -0.98 -33.37
C LEU A 320 -6.95 -1.93 -32.97
N MET A 321 -8.15 -1.36 -32.91
CA MET A 321 -9.32 -2.11 -32.45
C MET A 321 -9.80 -3.09 -33.50
N SER A 322 -9.56 -2.79 -34.77
CA SER A 322 -9.79 -3.75 -35.85
C SER A 322 -8.93 -5.00 -35.62
N ASP A 323 -7.64 -4.79 -35.32
CA ASP A 323 -6.75 -5.91 -35.03
C ASP A 323 -7.13 -6.63 -33.74
N ALA A 324 -7.65 -5.89 -32.75
CA ALA A 324 -8.16 -6.52 -31.52
C ALA A 324 -9.25 -7.52 -31.86
N LEU A 325 -10.20 -7.11 -32.70
CA LEU A 325 -11.29 -7.99 -33.13
C LEU A 325 -10.77 -9.22 -33.85
N VAL A 326 -9.82 -9.01 -34.78
CA VAL A 326 -9.21 -10.10 -35.54
C VAL A 326 -8.53 -11.10 -34.62
N LEU A 327 -7.74 -10.59 -33.67
CA LEU A 327 -7.07 -11.45 -32.68
C LEU A 327 -8.06 -12.24 -31.83
N ALA A 328 -9.10 -11.56 -31.34
CA ALA A 328 -10.17 -12.22 -30.58
C ALA A 328 -10.83 -13.34 -31.40
N LYS A 329 -11.17 -13.02 -32.65
CA LYS A 329 -11.70 -14.02 -33.59
C LYS A 329 -10.77 -15.23 -33.73
N MET A 330 -9.49 -14.99 -33.98
CA MET A 330 -8.47 -16.06 -34.10
C MET A 330 -8.43 -16.97 -32.87
N LYS A 331 -8.54 -16.37 -31.69
CA LYS A 331 -8.51 -17.12 -30.45
C LYS A 331 -9.80 -17.86 -30.08
N GLY A 332 -10.85 -17.71 -30.88
CA GLY A 332 -12.09 -18.50 -30.74
C GLY A 332 -13.18 -17.84 -29.89
N PHE A 333 -13.06 -16.55 -29.61
CA PHE A 333 -14.12 -15.79 -28.95
C PHE A 333 -15.36 -15.65 -29.83
N ASP A 334 -16.53 -15.70 -29.19
CA ASP A 334 -17.81 -15.56 -29.88
C ASP A 334 -18.22 -14.10 -30.00
N VAL A 335 -17.74 -13.26 -29.09
CA VAL A 335 -18.14 -11.85 -29.05
C VAL A 335 -17.07 -11.01 -28.39
N PHE A 336 -16.98 -9.76 -28.83
CA PHE A 336 -16.06 -8.78 -28.26
C PHE A 336 -16.91 -7.67 -27.66
N ASN A 337 -16.79 -7.48 -26.34
CA ASN A 337 -17.55 -6.46 -25.62
C ASN A 337 -16.70 -5.26 -25.32
N ALA A 338 -17.32 -4.09 -25.39
CA ALA A 338 -16.64 -2.86 -25.02
C ALA A 338 -17.62 -1.82 -24.55
N LEU A 339 -17.15 -0.96 -23.65
CA LEU A 339 -17.93 0.13 -23.12
C LEU A 339 -17.77 1.37 -23.99
N ASP A 340 -18.67 2.35 -23.83
CA ASP A 340 -18.56 3.65 -24.51
C ASP A 340 -17.68 4.68 -23.79
N LEU A 341 -16.77 4.22 -22.95
CA LEU A 341 -15.89 5.10 -22.18
C LEU A 341 -14.59 5.40 -22.95
N MET A 342 -13.72 6.23 -22.36
CA MET A 342 -12.52 6.74 -23.02
C MET A 342 -12.88 7.20 -24.45
N GLU A 343 -12.15 6.80 -25.49
CA GLU A 343 -12.45 7.28 -26.85
C GLU A 343 -13.21 6.22 -27.64
N ASN A 344 -13.83 5.26 -26.95
CA ASN A 344 -14.42 4.10 -27.61
C ASN A 344 -15.53 4.50 -28.60
N LYS A 345 -16.26 5.59 -28.32
CA LYS A 345 -17.29 6.08 -29.25
C LYS A 345 -16.76 6.41 -30.64
N THR A 346 -15.46 6.75 -30.74
CA THR A 346 -14.86 7.00 -32.06
C THR A 346 -14.84 5.78 -32.98
N PHE A 347 -14.79 4.56 -32.42
CA PHE A 347 -14.71 3.32 -33.25
C PHE A 347 -15.91 2.36 -33.21
N LEU A 348 -16.79 2.45 -32.20
CA LEU A 348 -17.82 1.41 -32.00
C LEU A 348 -18.75 1.20 -33.20
N GLU A 349 -19.41 2.27 -33.65
CA GLU A 349 -20.30 2.14 -34.80
C GLU A 349 -19.54 1.76 -36.07
N LYS A 350 -18.37 2.35 -36.29
CA LYS A 350 -17.57 2.06 -37.51
C LYS A 350 -17.11 0.60 -37.62
N LEU A 351 -16.81 -0.03 -36.49
CA LEU A 351 -16.39 -1.45 -36.47
C LEU A 351 -17.54 -2.44 -36.23
N LYS A 352 -18.78 -1.99 -36.41
CA LYS A 352 -19.99 -2.82 -36.39
C LYS A 352 -20.33 -3.41 -35.01
N PHE A 353 -19.96 -2.69 -33.95
CA PHE A 353 -20.49 -2.99 -32.63
C PHE A 353 -21.97 -2.59 -32.62
N GLY A 354 -22.79 -3.39 -31.93
CA GLY A 354 -24.19 -3.06 -31.64
C GLY A 354 -24.35 -2.72 -30.16
N ILE A 355 -25.14 -1.67 -29.88
CA ILE A 355 -25.39 -1.23 -28.51
C ILE A 355 -26.19 -2.29 -27.73
N GLY A 356 -25.80 -2.55 -26.49
CA GLY A 356 -26.47 -3.55 -25.67
C GLY A 356 -27.59 -2.92 -24.85
N ASP A 357 -28.12 -3.69 -23.89
CA ASP A 357 -29.15 -3.20 -22.98
C ASP A 357 -28.57 -2.70 -21.66
N GLY A 358 -27.46 -3.28 -21.23
CA GLY A 358 -26.95 -3.00 -19.88
C GLY A 358 -26.21 -1.69 -19.75
N ASN A 359 -26.51 -0.94 -18.68
CA ASN A 359 -25.69 0.19 -18.27
C ASN A 359 -24.71 -0.27 -17.20
N LEU A 360 -23.57 0.38 -17.15
CA LEU A 360 -22.65 0.25 -16.04
C LEU A 360 -22.48 1.63 -15.42
N GLN A 361 -22.94 1.72 -14.18
CA GLN A 361 -22.87 2.96 -13.42
C GLN A 361 -21.55 2.94 -12.68
N TYR A 362 -20.85 4.08 -12.67
CA TYR A 362 -19.59 4.24 -11.90
C TYR A 362 -19.86 5.09 -10.66
N TYR A 363 -19.24 4.69 -9.54
CA TYR A 363 -19.49 5.31 -8.25
C TYR A 363 -18.22 5.52 -7.48
N LEU A 364 -18.22 6.59 -6.71
CA LEU A 364 -17.24 6.81 -5.64
C LEU A 364 -17.97 6.81 -4.29
N TYR A 365 -17.31 6.21 -3.29
CA TYR A 365 -17.73 6.21 -1.89
C TYR A 365 -16.91 7.31 -1.18
N ASN A 366 -17.64 8.20 -0.49
CA ASN A 366 -17.04 9.28 0.32
C ASN A 366 -16.17 10.23 -0.50
N TRP A 367 -16.66 10.57 -1.69
CA TRP A 367 -16.03 11.57 -2.53
C TRP A 367 -17.10 12.24 -3.39
N LYS A 368 -17.31 13.52 -3.14
CA LYS A 368 -18.31 14.33 -3.75
C LYS A 368 -17.63 15.09 -4.88
N CYS A 369 -18.08 14.88 -6.12
CA CYS A 369 -17.53 15.60 -7.29
C CYS A 369 -18.56 15.71 -8.40
N PRO A 370 -18.34 16.61 -9.38
CA PRO A 370 -19.30 16.64 -10.48
C PRO A 370 -19.31 15.34 -11.26
N SER A 371 -20.45 14.99 -11.83
CA SER A 371 -20.51 13.84 -12.71
C SER A 371 -19.81 14.18 -14.03
N MET A 372 -19.48 13.13 -14.78
CA MET A 372 -18.79 13.27 -16.08
C MET A 372 -19.44 12.38 -17.11
N GLY A 373 -19.26 12.72 -18.37
CA GLY A 373 -19.70 11.86 -19.47
C GLY A 373 -18.82 10.64 -19.60
N ALA A 374 -19.36 9.61 -20.24
CA ALA A 374 -18.67 8.31 -20.39
C ALA A 374 -17.27 8.45 -21.03
N GLU A 375 -17.14 9.37 -21.97
CA GLU A 375 -15.88 9.64 -22.66
C GLU A 375 -14.74 10.16 -21.77
N LYS A 376 -15.06 10.64 -20.58
CA LYS A 376 -14.08 11.06 -19.57
C LYS A 376 -13.80 10.01 -18.51
N VAL A 377 -14.52 8.88 -18.54
CA VAL A 377 -14.25 7.75 -17.66
C VAL A 377 -13.11 6.94 -18.27
N GLY A 378 -12.08 6.67 -17.48
CA GLY A 378 -10.89 5.97 -17.95
C GLY A 378 -10.44 4.87 -17.02
N LEU A 379 -11.41 4.11 -16.55
CA LEU A 379 -11.19 3.07 -15.59
C LEU A 379 -12.05 1.88 -15.99
N VAL A 380 -11.45 0.69 -16.02
CA VAL A 380 -12.11 -0.55 -16.38
C VAL A 380 -11.83 -1.58 -15.29
N LEU A 381 -12.89 -2.06 -14.65
CA LEU A 381 -12.85 -3.07 -13.59
C LEU A 381 -13.41 -4.38 -14.16
N GLN A 382 -12.90 -5.50 -13.68
CA GLN A 382 -13.19 -6.83 -14.26
C GLN A 382 -14.55 -7.40 -13.85
N ARG B 1 32.88 19.39 1.80
CA ARG B 1 33.08 17.98 1.31
C ARG B 1 32.25 17.76 0.05
N SER B 2 32.91 17.47 -1.06
CA SER B 2 32.22 17.24 -2.34
C SER B 2 31.57 15.85 -2.32
N TYR B 3 30.27 15.79 -2.60
CA TYR B 3 29.49 14.55 -2.49
C TYR B 3 29.30 13.90 -3.86
N GLN B 4 30.27 13.09 -4.29
CA GLN B 4 30.24 12.38 -5.59
C GLN B 4 28.92 11.64 -5.86
N PHE B 5 28.43 10.91 -4.87
CA PHE B 5 27.15 10.20 -5.01
C PHE B 5 25.96 11.13 -4.84
N TRP B 6 25.88 11.85 -3.72
CA TRP B 6 24.68 12.62 -3.39
C TRP B 6 24.39 13.83 -4.29
N ASP B 7 25.43 14.39 -4.93
CA ASP B 7 25.26 15.40 -5.98
C ASP B 7 24.46 14.91 -7.18
N THR B 8 24.43 13.61 -7.42
CA THR B 8 23.69 13.04 -8.55
C THR B 8 22.22 12.77 -8.24
N GLN B 9 21.83 12.92 -6.97
CA GLN B 9 20.53 12.47 -6.49
C GLN B 9 19.56 13.65 -6.40
N PRO B 10 18.24 13.37 -6.47
CA PRO B 10 17.21 14.40 -6.36
C PRO B 10 16.99 14.88 -4.89
N VAL B 11 17.97 15.62 -4.38
CA VAL B 11 17.92 16.21 -3.06
C VAL B 11 18.47 17.63 -3.20
N PRO B 12 18.06 18.58 -2.34
CA PRO B 12 18.68 19.91 -2.41
C PRO B 12 20.17 19.85 -2.04
N LYS B 13 20.91 20.86 -2.46
CA LYS B 13 22.32 20.99 -2.11
C LYS B 13 22.42 21.54 -0.67
N LEU B 14 23.47 21.14 0.04
CA LEU B 14 23.76 21.74 1.36
C LEU B 14 23.93 23.24 1.18
N GLY B 15 23.30 24.03 2.03
CA GLY B 15 23.32 25.47 1.91
C GLY B 15 22.56 26.05 0.74
N GLU B 16 21.69 25.26 0.11
CA GLU B 16 20.69 25.79 -0.81
C GLU B 16 19.56 26.34 0.06
N VAL B 17 19.15 27.57 -0.19
CA VAL B 17 17.96 28.15 0.44
C VAL B 17 16.74 27.57 -0.31
N VAL B 18 15.78 27.03 0.45
CA VAL B 18 14.60 26.39 -0.14
C VAL B 18 13.34 27.15 0.29
N ASN B 19 12.71 27.83 -0.66
CA ASN B 19 11.44 28.53 -0.44
C ASN B 19 10.22 27.81 -1.04
N THR B 20 10.45 26.73 -1.78
CA THR B 20 9.40 25.98 -2.48
C THR B 20 9.04 24.68 -1.75
N HIS B 21 7.99 24.00 -2.21
CA HIS B 21 7.56 22.72 -1.64
C HIS B 21 7.19 21.81 -2.79
N GLY B 22 7.84 20.65 -2.91
CA GLY B 22 7.51 19.72 -3.98
C GLY B 22 8.64 18.81 -4.43
N PRO B 23 8.34 17.89 -5.37
CA PRO B 23 9.36 16.98 -5.82
C PRO B 23 10.46 17.68 -6.63
N VAL B 24 11.66 17.09 -6.58
CA VAL B 24 12.82 17.63 -7.28
C VAL B 24 12.77 17.23 -8.76
N GLU B 25 12.37 15.99 -9.00
CA GLU B 25 12.26 15.46 -10.35
C GLU B 25 10.89 14.78 -10.53
N PRO B 26 10.42 14.66 -11.79
CA PRO B 26 9.11 14.01 -12.02
C PRO B 26 9.06 12.53 -11.61
N ASP B 27 7.87 12.04 -11.29
CA ASP B 27 7.65 10.59 -11.14
C ASP B 27 8.07 9.92 -12.45
N LYS B 28 8.73 8.77 -12.34
CA LYS B 28 9.27 8.03 -13.49
C LYS B 28 8.18 7.11 -14.05
N ASP B 29 7.87 7.28 -15.34
CA ASP B 29 6.93 6.38 -16.02
C ASP B 29 7.64 5.21 -16.73
N ASN B 30 8.96 5.13 -16.59
CA ASN B 30 9.76 4.03 -17.11
C ASN B 30 10.83 3.70 -16.07
N ILE B 31 10.86 2.46 -15.58
CA ILE B 31 11.78 2.10 -14.52
C ILE B 31 12.65 0.92 -14.95
N ARG B 32 13.95 1.08 -14.70
CA ARG B 32 14.97 0.08 -14.94
C ARG B 32 14.54 -1.26 -14.36
N GLN B 33 14.45 -2.29 -15.22
CA GLN B 33 14.02 -3.63 -14.76
C GLN B 33 15.13 -4.48 -14.18
N GLU B 34 16.38 -4.17 -14.54
CA GLU B 34 17.51 -4.99 -14.16
C GLU B 34 18.09 -4.43 -12.85
N PRO B 35 18.41 -5.32 -11.87
CA PRO B 35 19.16 -4.85 -10.69
C PRO B 35 20.45 -4.13 -11.09
N TYR B 36 20.86 -3.16 -10.28
CA TYR B 36 22.16 -2.55 -10.43
C TYR B 36 23.27 -3.62 -10.25
N THR B 37 24.33 -3.47 -11.02
CA THR B 37 25.42 -4.43 -10.99
C THR B 37 26.27 -4.23 -9.73
N LEU B 38 26.54 -5.35 -9.05
CA LEU B 38 27.42 -5.40 -7.88
C LEU B 38 28.83 -5.74 -8.32
N PRO B 39 29.84 -5.49 -7.45
CA PRO B 39 31.19 -5.95 -7.82
C PRO B 39 31.24 -7.46 -8.00
N GLN B 40 32.20 -7.95 -8.77
CA GLN B 40 32.31 -9.39 -9.09
C GLN B 40 32.38 -10.21 -7.78
N GLY B 41 31.65 -11.32 -7.76
CA GLY B 41 31.64 -12.22 -6.61
C GLY B 41 30.58 -11.93 -5.55
N PHE B 42 29.71 -10.92 -5.77
CA PHE B 42 28.59 -10.64 -4.87
C PHE B 42 27.28 -10.70 -5.66
N THR B 43 26.18 -10.97 -4.96
CA THR B 43 24.86 -11.10 -5.60
C THR B 43 23.76 -10.54 -4.70
N TRP B 44 22.67 -10.08 -5.33
CA TRP B 44 21.49 -9.66 -4.59
C TRP B 44 20.77 -10.85 -4.01
N ASP B 45 20.18 -10.67 -2.81
CA ASP B 45 19.30 -11.70 -2.24
C ASP B 45 18.26 -11.04 -1.36
N ALA B 46 16.99 -11.22 -1.71
CA ALA B 46 15.89 -10.76 -0.89
C ALA B 46 15.82 -11.67 0.33
N LEU B 47 15.86 -11.09 1.54
CA LEU B 47 15.93 -11.89 2.76
C LEU B 47 14.52 -12.17 3.27
N ASP B 48 14.18 -13.46 3.38
CA ASP B 48 12.92 -13.87 3.98
C ASP B 48 13.09 -13.94 5.51
N LEU B 49 12.66 -12.89 6.19
CA LEU B 49 12.85 -12.79 7.64
C LEU B 49 11.92 -13.72 8.42
N GLY B 50 10.93 -14.30 7.74
CA GLY B 50 10.16 -15.42 8.23
C GLY B 50 10.90 -16.75 8.33
N ASP B 51 12.05 -16.86 7.66
CA ASP B 51 12.94 -17.97 7.86
C ASP B 51 13.88 -17.59 9.00
N ARG B 52 13.76 -18.29 10.13
CA ARG B 52 14.53 -18.01 11.35
C ARG B 52 16.05 -17.96 11.08
N GLY B 53 16.54 -18.86 10.25
CA GLY B 53 17.96 -18.89 9.87
C GLY B 53 18.42 -17.63 9.16
N VAL B 54 17.59 -17.12 8.26
CA VAL B 54 17.93 -15.92 7.49
C VAL B 54 17.88 -14.69 8.38
N LEU B 55 16.87 -14.61 9.24
CA LEU B 55 16.78 -13.56 10.23
C LEU B 55 18.02 -13.55 11.12
N LYS B 56 18.45 -14.72 11.55
CA LYS B 56 19.67 -14.86 12.36
C LYS B 56 20.91 -14.33 11.62
N GLU B 57 20.98 -14.58 10.31
CA GLU B 57 22.08 -14.06 9.50
C GLU B 57 22.07 -12.54 9.46
N LEU B 58 20.88 -11.95 9.32
CA LEU B 58 20.73 -10.47 9.35
C LEU B 58 21.12 -9.91 10.72
N TYR B 59 20.57 -10.53 11.76
CA TYR B 59 20.91 -10.18 13.13
C TYR B 59 22.45 -10.11 13.28
N THR B 60 23.15 -11.12 12.79
CA THR B 60 24.61 -11.23 12.92
C THR B 60 25.35 -10.14 12.12
N LEU B 61 24.92 -9.90 10.88
CA LEU B 61 25.48 -8.81 10.07
C LEU B 61 25.41 -7.48 10.82
N LEU B 62 24.23 -7.16 11.33
CA LEU B 62 23.99 -5.90 12.01
C LEU B 62 24.72 -5.88 13.37
N ASN B 63 24.64 -6.99 14.11
CA ASN B 63 25.34 -7.12 15.39
C ASN B 63 26.83 -6.85 15.25
N GLU B 64 27.42 -7.30 14.15
CA GLU B 64 28.87 -7.19 13.92
C GLU B 64 29.29 -5.97 13.09
N ASN B 65 28.38 -5.37 12.31
CA ASN B 65 28.75 -4.32 11.36
C ASN B 65 27.90 -3.04 11.31
N TYR B 66 26.87 -2.90 12.15
CA TYR B 66 26.02 -1.71 12.10
C TYR B 66 26.61 -0.52 12.90
N VAL B 67 25.77 0.43 13.31
CA VAL B 67 26.26 1.77 13.65
C VAL B 67 27.04 1.73 14.97
N GLU B 68 28.21 2.36 14.97
CA GLU B 68 29.04 2.53 16.14
C GLU B 68 29.17 4.00 16.47
N ASP B 69 29.46 4.29 17.76
CA ASP B 69 29.90 5.64 18.15
C ASP B 69 31.25 5.95 17.49
N ASP B 70 31.64 7.23 17.54
CA ASP B 70 32.90 7.66 16.90
C ASP B 70 34.16 7.06 17.51
N ASP B 71 34.12 6.72 18.81
CA ASP B 71 35.27 6.10 19.49
C ASP B 71 35.24 4.56 19.51
N ASN B 72 34.32 3.94 18.77
CA ASN B 72 34.27 2.47 18.60
C ASN B 72 34.16 1.68 19.91
N MET B 73 33.36 2.19 20.85
CA MET B 73 33.11 1.54 22.15
C MET B 73 31.77 0.83 22.21
N PHE B 74 30.80 1.29 21.40
CA PHE B 74 29.43 0.75 21.39
C PHE B 74 28.95 0.49 19.97
N ARG B 75 28.11 -0.53 19.80
CA ARG B 75 27.48 -0.86 18.53
C ARG B 75 26.06 -1.35 18.80
N PHE B 76 25.08 -0.89 18.02
CA PHE B 76 23.69 -1.33 18.22
C PHE B 76 23.59 -2.85 18.12
N ASP B 77 22.72 -3.41 18.95
CA ASP B 77 22.48 -4.84 18.98
C ASP B 77 20.97 -5.07 18.80
N TYR B 78 20.48 -4.77 17.61
CA TYR B 78 19.05 -5.00 17.31
C TYR B 78 18.74 -6.49 17.42
N SER B 79 17.75 -6.87 18.24
CA SER B 79 17.39 -8.29 18.42
C SER B 79 16.63 -8.80 17.18
N PRO B 80 16.64 -10.12 16.94
CA PRO B 80 15.86 -10.69 15.85
C PRO B 80 14.38 -10.30 15.88
N GLU B 81 13.79 -10.30 17.08
CA GLU B 81 12.37 -10.07 17.21
C GLU B 81 12.10 -8.58 17.00
N PHE B 82 13.02 -7.73 17.45
CA PHE B 82 12.95 -6.30 17.15
C PHE B 82 13.02 -6.06 15.63
N LEU B 83 13.93 -6.75 14.96
CA LEU B 83 14.09 -6.58 13.50
C LEU B 83 12.78 -6.93 12.78
N LEU B 84 12.13 -8.01 13.19
CA LEU B 84 10.79 -8.36 12.67
C LEU B 84 9.73 -7.25 12.86
N TRP B 85 9.70 -6.66 14.05
CA TRP B 85 8.84 -5.52 14.37
C TRP B 85 9.15 -4.30 13.48
N ALA B 86 10.44 -3.98 13.33
CA ALA B 86 10.84 -2.80 12.54
C ALA B 86 10.66 -2.99 11.01
N LEU B 87 10.80 -4.23 10.55
CA LEU B 87 10.89 -4.52 9.11
C LEU B 87 9.66 -5.18 8.53
N ARG B 88 8.73 -5.63 9.38
CA ARG B 88 7.47 -6.20 8.89
C ARG B 88 6.23 -5.48 9.45
N PRO B 89 6.15 -4.14 9.29
CA PRO B 89 4.92 -3.46 9.64
C PRO B 89 3.93 -3.67 8.50
N PRO B 90 2.69 -3.22 8.66
CA PRO B 90 1.71 -3.40 7.56
C PRO B 90 2.19 -2.84 6.22
N GLY B 91 2.01 -3.61 5.15
CA GLY B 91 2.44 -3.23 3.79
C GLY B 91 3.90 -3.54 3.47
N TRP B 92 4.60 -4.24 4.37
CA TRP B 92 5.99 -4.66 4.12
C TRP B 92 6.06 -5.53 2.87
N LEU B 93 7.15 -5.42 2.12
CA LEU B 93 7.36 -6.24 0.91
C LEU B 93 8.68 -6.98 0.98
N PRO B 94 8.72 -8.27 0.58
CA PRO B 94 9.96 -9.05 0.71
C PRO B 94 11.11 -8.49 -0.17
N GLN B 95 10.77 -7.90 -1.30
CA GLN B 95 11.79 -7.31 -2.19
C GLN B 95 12.45 -6.06 -1.57
N TRP B 96 11.82 -5.50 -0.53
CA TRP B 96 12.38 -4.35 0.17
C TRP B 96 13.24 -4.73 1.36
N HIS B 97 13.48 -6.03 1.55
CA HIS B 97 14.50 -6.52 2.49
C HIS B 97 15.70 -6.99 1.65
N CYS B 98 16.50 -6.02 1.27
CA CYS B 98 17.46 -6.16 0.17
C CYS B 98 18.85 -6.52 0.67
N GLY B 99 19.21 -7.79 0.58
CA GLY B 99 20.53 -8.28 1.02
C GLY B 99 21.54 -8.43 -0.11
N VAL B 100 22.83 -8.41 0.27
CA VAL B 100 23.95 -8.71 -0.60
C VAL B 100 24.70 -9.88 0.01
N ARG B 101 24.95 -10.90 -0.80
CA ARG B 101 25.70 -12.10 -0.38
C ARG B 101 26.93 -12.32 -1.23
N VAL B 102 27.93 -12.97 -0.63
CA VAL B 102 29.10 -13.43 -1.34
C VAL B 102 28.64 -14.64 -2.18
N VAL B 103 29.00 -14.67 -3.45
CA VAL B 103 28.52 -15.71 -4.35
C VAL B 103 28.99 -17.08 -3.88
N SER B 104 30.29 -17.22 -3.66
CA SER B 104 30.91 -18.50 -3.33
C SER B 104 30.44 -19.11 -2.00
N SER B 105 30.43 -18.31 -0.94
CA SER B 105 30.12 -18.79 0.41
C SER B 105 28.68 -18.54 0.84
N ARG B 106 27.96 -17.68 0.11
CA ARG B 106 26.63 -17.21 0.50
C ARG B 106 26.61 -16.30 1.75
N LYS B 107 27.78 -15.90 2.26
CA LYS B 107 27.85 -15.03 3.45
C LYS B 107 27.11 -13.70 3.23
N LEU B 108 26.25 -13.31 4.17
CA LEU B 108 25.59 -12.02 4.10
C LEU B 108 26.58 -10.92 4.46
N VAL B 109 26.78 -9.98 3.54
CA VAL B 109 27.73 -8.88 3.69
C VAL B 109 27.15 -7.48 3.48
N GLY B 110 25.86 -7.38 3.13
CA GLY B 110 25.25 -6.08 2.87
C GLY B 110 23.75 -6.12 3.05
N PHE B 111 23.16 -4.99 3.41
CA PHE B 111 21.71 -4.91 3.62
C PHE B 111 21.21 -3.48 3.48
N ILE B 112 19.98 -3.34 3.00
CA ILE B 112 19.27 -2.09 3.11
C ILE B 112 17.78 -2.45 3.09
N SER B 113 16.96 -1.66 3.76
CA SER B 113 15.49 -1.91 3.81
C SER B 113 14.67 -0.69 3.51
N ALA B 114 13.49 -0.94 2.96
CA ALA B 114 12.43 0.06 2.86
C ALA B 114 11.16 -0.52 3.51
N ILE B 115 10.41 0.32 4.22
CA ILE B 115 9.03 0.02 4.66
C ILE B 115 8.15 1.17 4.25
N PRO B 116 6.88 0.88 3.88
CA PRO B 116 6.02 1.96 3.47
C PRO B 116 5.52 2.77 4.66
N ALA B 117 5.25 4.05 4.43
CA ALA B 117 4.72 4.96 5.43
C ALA B 117 4.02 6.11 4.75
N ASN B 118 2.84 6.48 5.24
CA ASN B 118 2.22 7.72 4.83
C ASN B 118 2.84 8.82 5.67
N ILE B 119 3.37 9.85 5.01
CA ILE B 119 4.09 10.92 5.67
C ILE B 119 3.43 12.27 5.42
N HIS B 120 3.19 13.00 6.51
CA HIS B 120 2.72 14.38 6.43
C HIS B 120 3.93 15.31 6.51
N ILE B 121 4.11 16.14 5.48
CA ILE B 121 5.19 17.10 5.41
C ILE B 121 4.63 18.46 5.04
N TYR B 122 4.62 19.36 6.02
CA TYR B 122 3.94 20.64 5.91
C TYR B 122 2.48 20.43 5.46
N ASP B 123 2.07 20.95 4.31
CA ASP B 123 0.70 20.88 3.85
C ASP B 123 0.43 19.69 2.94
N THR B 124 1.35 18.73 2.87
CA THR B 124 1.20 17.60 1.96
C THR B 124 1.26 16.29 2.71
N GLU B 125 0.37 15.37 2.35
CA GLU B 125 0.51 13.98 2.76
C GLU B 125 0.92 13.18 1.51
N LYS B 126 1.98 12.38 1.64
CA LYS B 126 2.51 11.54 0.57
C LYS B 126 2.73 10.13 1.11
N LYS B 127 2.40 9.15 0.28
CA LYS B 127 2.92 7.80 0.49
C LYS B 127 4.42 7.83 0.21
N MET B 128 5.20 7.39 1.18
CA MET B 128 6.66 7.33 1.05
C MET B 128 7.14 5.98 1.51
N VAL B 129 8.47 5.81 1.55
CA VAL B 129 9.09 4.73 2.29
C VAL B 129 10.03 5.33 3.30
N GLU B 130 10.29 4.55 4.33
CA GLU B 130 11.32 4.83 5.30
C GLU B 130 12.48 3.88 5.04
N ILE B 131 13.68 4.43 4.86
CA ILE B 131 14.85 3.63 4.60
C ILE B 131 15.63 3.49 5.89
N ASN B 132 16.05 2.27 6.20
CA ASN B 132 16.77 2.00 7.43
C ASN B 132 17.66 0.76 7.24
N PHE B 133 18.56 0.54 8.19
CA PHE B 133 19.41 -0.65 8.24
C PHE B 133 20.36 -0.81 7.05
N LEU B 134 20.77 0.30 6.46
CA LEU B 134 21.84 0.31 5.49
C LEU B 134 23.12 -0.15 6.19
N CYS B 135 23.69 -1.26 5.73
CA CYS B 135 24.85 -1.85 6.37
C CYS B 135 25.74 -2.54 5.35
N VAL B 136 27.02 -2.19 5.35
CA VAL B 136 28.03 -2.90 4.57
C VAL B 136 29.04 -3.46 5.53
N HIS B 137 29.36 -4.75 5.36
CA HIS B 137 30.34 -5.47 6.19
C HIS B 137 31.66 -4.71 6.25
N LYS B 138 32.28 -4.71 7.42
CA LYS B 138 33.53 -3.93 7.62
C LYS B 138 34.59 -4.18 6.55
N LYS B 139 34.74 -5.44 6.12
CA LYS B 139 35.68 -5.82 5.08
C LYS B 139 35.33 -5.36 3.64
N LEU B 140 34.11 -4.87 3.43
CA LEU B 140 33.67 -4.30 2.15
C LEU B 140 33.62 -2.77 2.14
N ARG B 141 34.10 -2.12 3.19
CA ARG B 141 33.95 -0.65 3.34
C ARG B 141 34.80 0.13 2.34
N SER B 142 34.30 1.33 2.01
CA SER B 142 34.97 2.27 1.10
C SER B 142 35.30 1.69 -0.29
N LYS B 143 34.42 0.80 -0.79
CA LYS B 143 34.50 0.25 -2.15
C LYS B 143 33.26 0.62 -2.96
N ARG B 144 32.59 1.70 -2.55
CA ARG B 144 31.40 2.26 -3.24
C ARG B 144 30.20 1.30 -3.32
N VAL B 145 30.03 0.43 -2.31
CA VAL B 145 28.91 -0.51 -2.25
C VAL B 145 27.64 0.17 -1.75
N ALA B 146 27.77 1.12 -0.82
CA ALA B 146 26.59 1.79 -0.29
C ALA B 146 25.77 2.52 -1.37
N PRO B 147 26.42 3.24 -2.31
CA PRO B 147 25.66 3.85 -3.38
C PRO B 147 24.86 2.86 -4.22
N VAL B 148 25.40 1.65 -4.40
CA VAL B 148 24.72 0.61 -5.18
C VAL B 148 23.48 0.09 -4.42
N LEU B 149 23.65 -0.10 -3.12
CA LEU B 149 22.54 -0.44 -2.24
C LEU B 149 21.43 0.62 -2.26
N ILE B 150 21.82 1.90 -2.25
CA ILE B 150 20.85 3.00 -2.22
C ILE B 150 20.09 3.09 -3.57
N ARG B 151 20.83 2.99 -4.68
CA ARG B 151 20.21 2.98 -5.99
C ARG B 151 19.28 1.78 -6.22
N GLU B 152 19.68 0.62 -5.74
CA GLU B 152 18.90 -0.59 -5.89
C GLU B 152 17.60 -0.53 -5.07
N ILE B 153 17.66 -0.09 -3.82
CA ILE B 153 16.42 0.03 -3.05
C ILE B 153 15.53 1.12 -3.68
N THR B 154 16.13 2.21 -4.15
CA THR B 154 15.40 3.26 -4.87
C THR B 154 14.64 2.69 -6.07
N ARG B 155 15.35 1.89 -6.87
CA ARG B 155 14.75 1.20 -8.03
C ARG B 155 13.53 0.34 -7.65
N ARG B 156 13.73 -0.50 -6.63
CA ARG B 156 12.69 -1.41 -6.13
C ARG B 156 11.50 -0.71 -5.53
N VAL B 157 11.74 0.48 -4.97
CA VAL B 157 10.66 1.33 -4.46
C VAL B 157 9.93 2.00 -5.62
N HIS B 158 10.68 2.53 -6.61
CA HIS B 158 10.11 3.10 -7.82
C HIS B 158 9.13 2.16 -8.54
N LEU B 159 9.49 0.88 -8.59
CA LEU B 159 8.67 -0.16 -9.25
C LEU B 159 7.29 -0.30 -8.61
N GLU B 160 7.21 0.00 -7.32
CA GLU B 160 5.95 0.00 -6.59
C GLU B 160 5.21 1.35 -6.61
N GLY B 161 5.71 2.31 -7.38
CA GLY B 161 5.03 3.57 -7.62
C GLY B 161 5.23 4.63 -6.57
N ILE B 162 6.31 4.52 -5.79
CA ILE B 162 6.62 5.48 -4.74
C ILE B 162 7.89 6.22 -5.12
N PHE B 163 7.85 7.53 -5.02
CA PHE B 163 8.90 8.41 -5.50
C PHE B 163 9.50 9.33 -4.45
N GLN B 164 9.09 9.15 -3.20
CA GLN B 164 9.68 9.88 -2.08
C GLN B 164 10.02 8.96 -0.93
N ALA B 165 11.01 9.37 -0.16
CA ALA B 165 11.42 8.63 1.03
C ALA B 165 11.86 9.54 2.14
N VAL B 166 11.79 9.02 3.34
CA VAL B 166 12.30 9.69 4.53
C VAL B 166 13.35 8.77 5.12
N TYR B 167 14.39 9.37 5.68
CA TYR B 167 15.47 8.61 6.30
C TYR B 167 16.21 9.48 7.29
N THR B 168 16.90 8.83 8.23
CA THR B 168 17.72 9.53 9.21
C THR B 168 19.13 8.96 9.21
N ALA B 169 20.07 9.80 9.61
CA ALA B 169 21.49 9.38 9.77
C ALA B 169 22.19 10.26 10.80
N GLY B 170 23.27 9.72 11.36
CA GLY B 170 24.17 10.50 12.22
C GLY B 170 25.12 11.43 11.47
N VAL B 171 25.20 11.29 10.14
CA VAL B 171 26.14 12.08 9.34
C VAL B 171 25.42 13.18 8.57
N VAL B 172 26.17 14.22 8.21
CA VAL B 172 25.62 15.31 7.40
C VAL B 172 25.75 14.99 5.91
N LEU B 173 24.61 14.97 5.24
CA LEU B 173 24.47 14.73 3.81
C LEU B 173 23.60 15.84 3.23
N PRO B 174 23.60 16.01 1.90
CA PRO B 174 22.63 16.96 1.32
C PRO B 174 21.21 16.35 1.39
N LYS B 175 20.21 17.00 1.99
CA LYS B 175 20.30 18.18 2.83
C LYS B 175 19.31 17.95 4.00
N PRO B 176 19.75 18.17 5.25
CA PRO B 176 18.81 17.85 6.33
C PRO B 176 17.52 18.72 6.33
N VAL B 177 16.36 18.10 6.43
CA VAL B 177 15.09 18.81 6.69
C VAL B 177 14.95 19.21 8.15
N GLY B 178 15.61 18.48 9.04
CA GLY B 178 15.74 18.89 10.44
C GLY B 178 16.91 18.20 11.09
N THR B 179 17.42 18.82 12.15
CA THR B 179 18.52 18.28 12.93
C THR B 179 18.07 18.16 14.39
N CYS B 180 18.11 16.94 14.91
CA CYS B 180 17.87 16.69 16.32
C CYS B 180 19.16 16.30 17.03
N ARG B 181 19.07 16.31 18.35
CA ARG B 181 20.17 16.02 19.23
C ARG B 181 19.71 14.98 20.24
N TYR B 182 20.53 13.96 20.47
CA TYR B 182 20.26 12.95 21.49
C TYR B 182 20.54 13.49 22.88
N TRP B 183 19.61 13.21 23.80
CA TRP B 183 19.77 13.44 25.23
C TRP B 183 19.62 12.11 25.96
N HIS B 184 20.27 12.01 27.12
CA HIS B 184 20.44 10.74 27.83
C HIS B 184 20.10 10.92 29.30
N ARG B 185 19.24 10.04 29.82
CA ARG B 185 18.92 10.05 31.25
C ARG B 185 19.52 8.82 31.93
N SER B 186 20.52 9.03 32.79
CA SER B 186 21.14 7.94 33.53
C SER B 186 20.10 7.26 34.42
N LEU B 187 20.02 5.94 34.30
CA LEU B 187 19.25 5.08 35.20
C LEU B 187 20.17 4.26 36.11
N ASN B 188 21.26 3.76 35.55
CA ASN B 188 22.29 3.01 36.29
C ASN B 188 23.63 3.76 36.09
N PRO B 189 23.83 4.88 36.81
CA PRO B 189 25.05 5.69 36.59
C PRO B 189 26.38 4.97 36.83
N ARG B 190 26.45 4.05 37.79
CA ARG B 190 27.67 3.26 38.04
C ARG B 190 28.17 2.51 36.80
N LYS B 191 27.27 1.75 36.18
CA LYS B 191 27.60 1.00 34.97
C LYS B 191 27.98 1.93 33.79
N LEU B 192 27.21 2.99 33.61
CA LEU B 192 27.48 3.97 32.54
C LEU B 192 28.84 4.61 32.69
N ILE B 193 29.24 4.92 33.93
CA ILE B 193 30.58 5.47 34.20
C ILE B 193 31.64 4.37 34.05
N GLU B 194 31.38 3.16 34.55
CA GLU B 194 32.31 2.03 34.38
C GLU B 194 32.61 1.73 32.91
N VAL B 195 31.61 1.79 32.04
CA VAL B 195 31.80 1.54 30.59
C VAL B 195 32.15 2.79 29.76
N LYS B 196 32.36 3.93 30.39
CA LYS B 196 32.75 5.19 29.75
C LYS B 196 31.70 5.73 28.77
N PHE B 197 30.42 5.47 29.07
CA PHE B 197 29.31 6.14 28.40
C PHE B 197 29.12 7.53 29.00
N SER B 198 29.20 7.60 30.34
CA SER B 198 29.19 8.85 31.10
C SER B 198 30.53 8.97 31.79
N HIS B 199 30.84 10.15 32.29
CA HIS B 199 32.09 10.40 33.04
C HIS B 199 31.80 11.25 34.29
N LEU B 200 32.55 10.98 35.34
CA LEU B 200 32.35 11.67 36.63
C LEU B 200 32.67 13.16 36.51
N SER B 201 31.68 14.00 36.82
CA SER B 201 31.77 15.45 36.68
C SER B 201 32.47 15.89 37.47
N MET B 204 32.10 15.69 41.56
CA MET B 204 31.17 14.81 42.30
C MET B 204 31.77 13.42 42.57
N THR B 205 31.26 12.77 43.63
CA THR B 205 31.55 11.37 43.93
C THR B 205 30.53 10.43 43.27
N MET B 206 30.84 9.13 43.30
CA MET B 206 29.96 8.07 42.83
C MET B 206 28.68 8.01 43.68
N GLN B 207 28.83 8.14 45.00
CA GLN B 207 27.67 8.13 45.91
C GLN B 207 26.75 9.33 45.64
N ARG B 208 27.37 10.50 45.40
CA ARG B 208 26.64 11.73 45.05
C ARG B 208 25.86 11.56 43.73
N THR B 209 26.54 11.02 42.73
CA THR B 209 25.96 10.82 41.40
C THR B 209 24.80 9.81 41.42
N MET B 210 24.95 8.75 42.21
CA MET B 210 23.87 7.76 42.39
C MET B 210 22.66 8.39 43.09
N LYS B 211 22.92 9.16 44.15
CA LYS B 211 21.87 9.92 44.84
C LYS B 211 21.15 10.87 43.86
N LEU B 212 21.92 11.61 43.07
CA LEU B 212 21.37 12.57 42.09
C LEU B 212 20.39 11.93 41.10
N TYR B 213 20.74 10.75 40.58
CA TYR B 213 19.93 10.09 39.56
C TYR B 213 18.92 9.04 40.06
N ARG B 214 18.89 8.82 41.38
CA ARG B 214 17.89 7.94 42.02
C ARG B 214 16.46 8.30 41.57
N LEU B 215 15.65 7.29 41.32
CA LEU B 215 14.25 7.49 40.92
C LEU B 215 13.30 6.84 41.92
N PRO B 216 12.02 7.27 41.94
CA PRO B 216 11.02 6.53 42.72
C PRO B 216 10.91 5.05 42.31
N GLU B 217 10.41 4.23 43.22
CA GLU B 217 10.29 2.78 43.01
C GLU B 217 9.05 2.43 42.20
N THR B 218 8.07 3.35 42.15
CA THR B 218 6.83 3.14 41.40
C THR B 218 6.34 4.44 40.75
N PRO B 219 5.55 4.32 39.65
CA PRO B 219 5.10 5.53 38.96
C PRO B 219 4.00 6.26 39.73
N LYS B 220 3.87 7.56 39.53
CA LYS B 220 2.90 8.37 40.27
C LYS B 220 1.54 8.59 39.59
N THR B 221 1.47 8.48 38.27
CA THR B 221 0.25 8.86 37.55
C THR B 221 -0.89 7.88 37.80
N ALA B 222 -2.02 8.42 38.23
CA ALA B 222 -3.26 7.69 38.49
C ALA B 222 -3.76 6.91 37.28
N GLY B 223 -3.90 5.60 37.43
CA GLY B 223 -4.46 4.75 36.40
C GLY B 223 -3.57 4.45 35.21
N LEU B 224 -2.25 4.62 35.41
CA LEU B 224 -1.26 4.14 34.45
C LEU B 224 -1.35 2.61 34.41
N ARG B 225 -1.32 2.06 33.21
CA ARG B 225 -1.31 0.61 33.00
C ARG B 225 -0.82 0.29 31.58
N PRO B 226 -0.39 -0.97 31.34
CA PRO B 226 -0.01 -1.34 29.97
C PRO B 226 -1.19 -1.25 28.98
N MET B 227 -0.87 -0.83 27.76
CA MET B 227 -1.81 -0.82 26.65
C MET B 227 -2.32 -2.24 26.37
N GLU B 228 -3.60 -2.33 26.04
CA GLU B 228 -4.24 -3.59 25.74
C GLU B 228 -5.00 -3.41 24.44
N THR B 229 -5.49 -4.52 23.92
CA THR B 229 -6.17 -4.54 22.61
C THR B 229 -7.32 -3.54 22.54
N LYS B 230 -8.12 -3.46 23.59
CA LYS B 230 -9.25 -2.51 23.66
C LYS B 230 -8.85 -1.02 23.53
N ASP B 231 -7.58 -0.69 23.83
CA ASP B 231 -7.04 0.68 23.68
C ASP B 231 -6.60 1.08 22.26
N ILE B 232 -6.60 0.14 21.33
CA ILE B 232 -6.04 0.43 19.99
C ILE B 232 -6.71 1.65 19.32
N PRO B 233 -8.07 1.73 19.30
CA PRO B 233 -8.72 2.88 18.66
C PRO B 233 -8.44 4.23 19.32
N VAL B 234 -8.50 4.30 20.64
CA VAL B 234 -8.25 5.55 21.32
C VAL B 234 -6.75 5.96 21.26
N VAL B 235 -5.84 5.00 21.33
CA VAL B 235 -4.42 5.33 21.14
C VAL B 235 -4.24 5.96 19.73
N HIS B 236 -4.86 5.37 18.72
CA HIS B 236 -4.85 5.92 17.36
C HIS B 236 -5.42 7.33 17.30
N GLN B 237 -6.55 7.54 17.97
CA GLN B 237 -7.19 8.85 18.02
C GLN B 237 -6.30 9.88 18.68
N LEU B 238 -5.78 9.54 19.86
CA LEU B 238 -4.90 10.43 20.60
C LEU B 238 -3.67 10.83 19.76
N LEU B 239 -3.01 9.83 19.18
CA LEU B 239 -1.79 10.08 18.40
C LEU B 239 -2.10 10.96 17.19
N THR B 240 -3.18 10.64 16.47
CA THR B 240 -3.52 11.37 15.23
C THR B 240 -3.74 12.86 15.52
N ARG B 241 -4.48 13.15 16.59
CA ARG B 241 -4.77 14.55 16.94
C ARG B 241 -3.52 15.26 17.46
N TYR B 242 -2.73 14.57 18.27
CA TYR B 242 -1.54 15.15 18.87
C TYR B 242 -0.47 15.54 17.81
N LEU B 243 -0.31 14.71 16.80
CA LEU B 243 0.69 14.94 15.75
C LEU B 243 0.39 16.12 14.82
N LYS B 244 -0.83 16.65 14.79
CA LYS B 244 -1.18 17.75 13.85
C LYS B 244 -0.35 19.02 14.07
N GLN B 245 0.12 19.23 15.28
CA GLN B 245 0.90 20.42 15.61
C GLN B 245 2.33 20.44 15.00
N PHE B 246 2.84 19.29 14.58
CA PHE B 246 4.19 19.20 14.02
C PHE B 246 4.15 19.24 12.50
N HIS B 247 5.32 19.42 11.88
CA HIS B 247 5.44 19.61 10.43
C HIS B 247 5.94 18.39 9.65
N LEU B 248 6.50 17.40 10.34
CA LEU B 248 6.91 16.13 9.74
C LEU B 248 6.47 15.01 10.66
N THR B 249 5.47 14.25 10.22
CA THR B 249 4.89 13.22 11.08
C THR B 249 4.48 12.02 10.23
N PRO B 250 4.32 10.86 10.88
CA PRO B 250 3.65 9.75 10.22
C PRO B 250 2.14 9.95 10.28
N VAL B 251 1.42 9.36 9.34
CA VAL B 251 -0.02 9.32 9.39
C VAL B 251 -0.34 7.83 9.45
N MET B 252 -0.66 7.32 10.63
CA MET B 252 -0.78 5.88 10.84
C MET B 252 -2.27 5.45 10.72
N SER B 253 -2.48 4.30 10.07
CA SER B 253 -3.77 3.63 10.10
C SER B 253 -3.92 2.99 11.49
N GLN B 254 -5.10 2.52 11.79
CA GLN B 254 -5.33 1.84 13.07
C GLN B 254 -4.53 0.53 13.15
N GLU B 255 -4.37 -0.16 12.00
CA GLU B 255 -3.53 -1.35 11.96
C GLU B 255 -2.06 -1.02 12.23
N GLU B 256 -1.58 0.10 11.69
CA GLU B 256 -0.21 0.54 11.97
C GLU B 256 -0.06 0.92 13.46
N VAL B 257 -1.08 1.55 14.03
CA VAL B 257 -1.01 1.88 15.48
C VAL B 257 -0.88 0.59 16.29
N GLU B 258 -1.71 -0.40 15.97
CA GLU B 258 -1.57 -1.70 16.60
C GLU B 258 -0.14 -2.20 16.49
N HIS B 259 0.39 -2.24 15.26
CA HIS B 259 1.76 -2.71 15.06
C HIS B 259 2.80 -1.98 15.89
N TRP B 260 2.77 -0.66 15.84
CA TRP B 260 3.85 0.12 16.42
C TRP B 260 3.78 0.28 17.94
N PHE B 261 2.59 0.12 18.52
CA PHE B 261 2.39 0.40 19.96
C PHE B 261 1.99 -0.75 20.85
N TYR B 262 1.31 -1.77 20.32
CA TYR B 262 0.92 -2.92 21.11
C TYR B 262 2.16 -3.57 21.74
N PRO B 263 2.14 -3.75 23.07
CA PRO B 263 3.40 -4.12 23.72
C PRO B 263 3.91 -5.51 23.38
N GLN B 264 5.22 -5.61 23.19
CA GLN B 264 5.90 -6.87 22.95
C GLN B 264 7.11 -6.84 23.87
N GLU B 265 7.23 -7.82 24.74
CA GLU B 265 8.31 -7.82 25.74
C GLU B 265 9.65 -7.75 25.02
N ASN B 266 10.54 -6.92 25.58
CA ASN B 266 11.90 -6.67 25.09
C ASN B 266 11.97 -5.96 23.72
N ILE B 267 10.87 -5.35 23.28
CA ILE B 267 10.80 -4.64 22.00
C ILE B 267 10.15 -3.27 22.17
N ILE B 268 8.86 -3.25 22.55
CA ILE B 268 8.11 -2.01 22.61
C ILE B 268 7.22 -2.06 23.82
N ASP B 269 7.21 -0.96 24.56
CA ASP B 269 6.39 -0.80 25.75
C ASP B 269 5.52 0.41 25.53
N THR B 270 4.22 0.25 25.80
CA THR B 270 3.28 1.36 25.75
C THR B 270 2.41 1.26 27.01
N PHE B 271 2.33 2.37 27.73
CA PHE B 271 1.50 2.49 28.92
C PHE B 271 0.50 3.61 28.69
N VAL B 272 -0.76 3.34 29.01
CA VAL B 272 -1.85 4.29 28.80
C VAL B 272 -2.30 4.75 30.19
N VAL B 273 -2.90 5.94 30.27
CA VAL B 273 -3.51 6.45 31.48
C VAL B 273 -5.03 6.35 31.30
N GLU B 274 -5.66 5.50 32.12
CA GLU B 274 -7.11 5.32 32.14
C GLU B 274 -7.63 6.00 33.41
N ASN B 275 -8.41 7.08 33.24
CA ASN B 275 -8.89 7.88 34.38
C ASN B 275 -10.06 7.20 35.12
N ALA B 276 -10.62 7.92 36.09
CA ALA B 276 -11.67 7.43 36.97
C ALA B 276 -13.00 7.22 36.25
N ASN B 277 -13.15 7.82 35.07
CA ASN B 277 -14.29 7.59 34.17
C ASN B 277 -14.09 6.41 33.23
N GLY B 278 -12.91 5.78 33.25
CA GLY B 278 -12.59 4.71 32.31
C GLY B 278 -12.09 5.15 30.93
N GLU B 279 -11.84 6.46 30.76
CA GLU B 279 -11.37 7.04 29.50
C GLU B 279 -9.84 7.05 29.45
N VAL B 280 -9.26 6.69 28.31
CA VAL B 280 -7.82 6.78 28.11
C VAL B 280 -7.49 8.18 27.62
N THR B 281 -6.69 8.90 28.38
CA THR B 281 -6.40 10.31 28.11
C THR B 281 -4.94 10.61 27.74
N ASP B 282 -4.05 9.65 27.94
CA ASP B 282 -2.60 9.85 27.70
C ASP B 282 -1.94 8.51 27.44
N PHE B 283 -0.78 8.56 26.75
CA PHE B 283 0.06 7.38 26.69
C PHE B 283 1.52 7.75 26.54
N LEU B 284 2.37 6.85 27.03
CA LEU B 284 3.82 6.95 26.85
C LEU B 284 4.27 5.67 26.18
N SER B 285 5.37 5.75 25.45
CA SER B 285 5.97 4.55 24.87
C SER B 285 7.46 4.69 24.66
N PHE B 286 8.14 3.56 24.71
CA PHE B 286 9.58 3.49 24.48
C PHE B 286 9.98 2.12 23.99
N TYR B 287 10.98 2.07 23.10
CA TYR B 287 11.43 0.78 22.57
C TYR B 287 12.75 0.37 23.16
N THR B 288 13.05 -0.92 23.05
CA THR B 288 14.22 -1.56 23.65
C THR B 288 15.28 -1.77 22.57
N LEU B 289 16.47 -1.19 22.77
CA LEU B 289 17.56 -1.36 21.82
C LEU B 289 18.88 -1.31 22.55
N PRO B 290 19.45 -2.48 22.90
CA PRO B 290 20.75 -2.46 23.58
C PRO B 290 21.91 -2.17 22.62
N SER B 291 23.02 -1.76 23.18
CA SER B 291 24.25 -1.66 22.40
C SER B 291 25.30 -2.62 22.95
N THR B 292 26.03 -3.28 22.05
CA THR B 292 27.15 -4.11 22.43
C THR B 292 28.22 -3.15 22.93
N ILE B 293 28.89 -3.53 24.01
CA ILE B 293 30.03 -2.78 24.55
C ILE B 293 31.25 -3.57 24.15
N MET B 294 32.12 -2.96 23.34
CA MET B 294 33.34 -3.67 22.88
C MET B 294 34.50 -3.41 23.80
N ASN B 295 35.33 -4.44 23.93
CA ASN B 295 36.64 -4.37 24.60
C ASN B 295 36.59 -4.26 26.10
N HIS B 296 35.44 -4.54 26.73
CA HIS B 296 35.33 -4.45 28.20
C HIS B 296 35.23 -5.87 28.77
N PRO B 297 36.10 -6.21 29.76
CA PRO B 297 36.12 -7.57 30.34
C PRO B 297 34.81 -8.08 30.93
N THR B 298 34.07 -7.22 31.61
CA THR B 298 32.97 -7.63 32.49
C THR B 298 31.58 -7.15 32.06
N HIS B 299 31.51 -6.04 31.29
CA HIS B 299 30.25 -5.51 30.79
C HIS B 299 30.20 -5.74 29.28
N LYS B 300 29.13 -6.39 28.83
CA LYS B 300 28.99 -6.80 27.43
C LYS B 300 27.90 -6.07 26.69
N SER B 301 26.85 -5.61 27.38
CA SER B 301 25.71 -4.98 26.72
CA SER B 301 25.70 -4.99 26.73
C SER B 301 25.18 -3.82 27.56
N LEU B 302 24.93 -2.70 26.89
CA LEU B 302 24.34 -1.52 27.49
C LEU B 302 22.83 -1.52 27.16
N LYS B 303 22.00 -1.58 28.19
CA LYS B 303 20.54 -1.67 27.98
C LYS B 303 19.94 -0.27 27.91
N ALA B 304 19.54 0.14 26.71
CA ALA B 304 18.97 1.46 26.44
C ALA B 304 17.50 1.41 26.03
N ALA B 305 16.71 2.29 26.63
CA ALA B 305 15.32 2.52 26.26
C ALA B 305 15.30 3.80 25.45
N TYR B 306 14.53 3.79 24.36
CA TYR B 306 14.40 4.97 23.51
C TYR B 306 12.97 5.48 23.56
N SER B 307 12.85 6.77 23.88
CA SER B 307 11.55 7.46 23.83
C SER B 307 10.97 7.33 22.40
N PHE B 308 9.69 6.99 22.32
CA PHE B 308 9.05 6.76 21.03
C PHE B 308 8.01 7.86 20.84
N TYR B 309 6.72 7.59 21.05
CA TYR B 309 5.70 8.64 20.99
C TYR B 309 5.00 8.75 22.34
N ASN B 310 4.89 9.99 22.83
CA ASN B 310 4.27 10.28 24.14
C ASN B 310 3.21 11.34 23.90
N VAL B 311 1.96 10.97 24.17
CA VAL B 311 0.85 11.84 23.91
C VAL B 311 0.23 12.22 25.26
N HIS B 312 0.08 13.53 25.47
CA HIS B 312 -0.53 14.08 26.69
C HIS B 312 -1.75 14.93 26.34
N THR B 313 -2.86 14.67 27.03
CA THR B 313 -4.04 15.56 26.99
C THR B 313 -4.54 16.00 28.38
N GLN B 314 -4.38 15.16 29.41
CA GLN B 314 -4.80 15.48 30.79
C GLN B 314 -3.67 15.39 31.80
N THR B 315 -2.80 14.38 31.70
CA THR B 315 -1.57 14.29 32.49
C THR B 315 -0.49 15.25 31.94
N PRO B 316 0.17 16.01 32.83
CA PRO B 316 1.29 16.82 32.33
C PRO B 316 2.41 15.98 31.75
N LEU B 317 2.94 16.38 30.60
CA LEU B 317 4.01 15.65 29.91
C LEU B 317 5.19 15.36 30.83
N LEU B 318 5.52 16.35 31.66
CA LEU B 318 6.58 16.22 32.64
C LEU B 318 6.36 14.99 33.55
N ASP B 319 5.13 14.82 34.01
CA ASP B 319 4.74 13.67 34.83
C ASP B 319 4.77 12.35 34.05
N LEU B 320 4.24 12.37 32.83
CA LEU B 320 4.27 11.19 31.95
C LEU B 320 5.66 10.62 31.79
N MET B 321 6.59 11.51 31.49
CA MET B 321 7.97 11.13 31.23
C MET B 321 8.70 10.74 32.49
N SER B 322 8.31 11.31 33.63
CA SER B 322 8.81 10.86 34.93
C SER B 322 8.46 9.38 35.13
N ASP B 323 7.20 9.03 34.87
CA ASP B 323 6.77 7.64 34.98
C ASP B 323 7.45 6.75 33.93
N ALA B 324 7.73 7.29 32.76
CA ALA B 324 8.48 6.54 31.73
C ALA B 324 9.85 6.15 32.27
N LEU B 325 10.54 7.09 32.89
CA LEU B 325 11.85 6.83 33.50
C LEU B 325 11.77 5.77 34.59
N VAL B 326 10.76 5.90 35.46
CA VAL B 326 10.56 4.94 36.55
C VAL B 326 10.32 3.53 36.00
N LEU B 327 9.44 3.43 35.00
CA LEU B 327 9.16 2.15 34.34
C LEU B 327 10.41 1.54 33.71
N ALA B 328 11.16 2.36 32.98
CA ALA B 328 12.43 1.92 32.39
C ALA B 328 13.40 1.41 33.45
N LYS B 329 13.56 2.18 34.53
CA LYS B 329 14.38 1.77 35.67
C LYS B 329 13.94 0.40 36.22
N MET B 330 12.63 0.24 36.47
CA MET B 330 12.07 -1.03 36.99
C MET B 330 12.39 -2.21 36.07
N LYS B 331 12.33 -1.99 34.77
CA LYS B 331 12.59 -3.04 33.78
C LYS B 331 14.07 -3.35 33.55
N GLY B 332 14.97 -2.62 34.19
CA GLY B 332 16.39 -2.96 34.21
C GLY B 332 17.25 -2.25 33.17
N PHE B 333 16.71 -1.23 32.52
CA PHE B 333 17.46 -0.39 31.60
C PHE B 333 18.55 0.44 32.30
N ASP B 334 19.68 0.60 31.63
CA ASP B 334 20.80 1.38 32.15
C ASP B 334 20.66 2.87 31.81
N VAL B 335 19.94 3.18 30.73
CA VAL B 335 19.82 4.56 30.27
C VAL B 335 18.54 4.73 29.46
N PHE B 336 17.98 5.94 29.52
CA PHE B 336 16.80 6.32 28.77
C PHE B 336 17.22 7.43 27.82
N ASN B 337 17.10 7.18 26.51
CA ASN B 337 17.47 8.14 25.48
C ASN B 337 16.27 8.82 24.90
N ALA B 338 16.42 10.10 24.60
CA ALA B 338 15.37 10.84 23.91
C ALA B 338 15.97 11.96 23.09
N LEU B 339 15.28 12.27 21.99
CA LEU B 339 15.68 13.35 21.10
C LEU B 339 15.04 14.65 21.57
N ASP B 340 15.56 15.78 21.08
CA ASP B 340 14.98 17.11 21.34
C ASP B 340 13.81 17.50 20.40
N LEU B 341 13.15 16.52 19.80
CA LEU B 341 12.07 16.76 18.86
C LEU B 341 10.72 16.82 19.58
N MET B 342 9.64 17.09 18.82
CA MET B 342 8.30 17.33 19.38
C MET B 342 8.42 18.32 20.57
N GLU B 343 7.84 18.03 21.73
CA GLU B 343 7.91 18.98 22.86
C GLU B 343 8.93 18.50 23.88
N ASN B 344 9.87 17.65 23.46
CA ASN B 344 10.79 17.02 24.42
C ASN B 344 11.63 18.04 25.19
N LYS B 345 11.96 19.19 24.56
CA LYS B 345 12.71 20.25 25.24
C LYS B 345 12.02 20.77 26.50
N THR B 346 10.69 20.67 26.58
CA THR B 346 9.97 21.07 27.79
C THR B 346 10.32 20.23 29.03
N PHE B 347 10.72 18.96 28.85
CA PHE B 347 11.05 18.08 29.98
C PHE B 347 12.51 17.63 30.16
N LEU B 348 13.35 17.72 29.12
CA LEU B 348 14.69 17.10 29.17
C LEU B 348 15.57 17.59 30.31
N GLU B 349 15.80 18.90 30.37
CA GLU B 349 16.62 19.47 31.44
C GLU B 349 15.98 19.22 32.83
N LYS B 350 14.67 19.41 32.94
CA LYS B 350 13.96 19.24 34.22
C LYS B 350 14.04 17.82 34.80
N LEU B 351 14.03 16.81 33.95
CA LEU B 351 14.15 15.41 34.39
C LEU B 351 15.59 14.86 34.39
N LYS B 352 16.58 15.75 34.36
CA LYS B 352 18.00 15.41 34.50
C LYS B 352 18.58 14.60 33.34
N PHE B 353 18.02 14.79 32.13
CA PHE B 353 18.69 14.31 30.92
C PHE B 353 19.93 15.18 30.72
N GLY B 354 21.01 14.55 30.25
CA GLY B 354 22.23 15.25 29.79
C GLY B 354 22.33 15.18 28.27
N ILE B 355 22.69 16.30 27.65
CA ILE B 355 22.85 16.37 26.19
C ILE B 355 24.01 15.47 25.74
N GLY B 356 23.81 14.73 24.65
CA GLY B 356 24.84 13.83 24.11
C GLY B 356 25.71 14.54 23.11
N ASP B 357 26.55 13.78 22.42
CA ASP B 357 27.37 14.30 21.31
C ASP B 357 26.72 14.11 19.95
N GLY B 358 25.93 13.05 19.82
CA GLY B 358 25.39 12.65 18.52
C GLY B 358 24.20 13.46 18.05
N ASN B 359 24.20 13.76 16.76
CA ASN B 359 23.05 14.35 16.08
C ASN B 359 22.29 13.25 15.36
N LEU B 360 20.99 13.47 15.17
CA LEU B 360 20.21 12.70 14.21
C LEU B 360 19.66 13.68 13.19
N GLN B 361 20.14 13.52 11.96
CA GLN B 361 19.72 14.34 10.85
C GLN B 361 18.53 13.67 10.21
N TYR B 362 17.51 14.45 9.86
CA TYR B 362 16.31 13.94 9.14
C TYR B 362 16.38 14.40 7.69
N TYR B 363 16.01 13.51 6.77
CA TYR B 363 16.12 13.75 5.34
C TYR B 363 14.89 13.28 4.60
N LEU B 364 14.59 13.99 3.52
CA LEU B 364 13.64 13.54 2.50
C LEU B 364 14.38 13.37 1.17
N TYR B 365 14.01 12.31 0.46
CA TYR B 365 14.48 12.01 -0.90
C TYR B 365 13.41 12.49 -1.88
N ASN B 366 13.81 13.31 -2.85
CA ASN B 366 12.96 13.83 -3.92
C ASN B 366 11.76 14.64 -3.40
N TRP B 367 12.05 15.46 -2.41
CA TRP B 367 11.09 16.41 -1.87
C TRP B 367 11.85 17.62 -1.33
N LYS B 368 11.64 18.73 -2.01
CA LYS B 368 12.29 19.99 -1.73
C LYS B 368 11.31 20.79 -0.86
N CYS B 369 11.72 21.14 0.37
CA CYS B 369 10.91 21.97 1.26
C CYS B 369 11.79 22.76 2.23
N PRO B 370 11.23 23.78 2.89
CA PRO B 370 12.06 24.45 3.89
C PRO B 370 12.44 23.52 5.03
N SER B 371 13.60 23.74 5.63
CA SER B 371 13.98 23.00 6.82
C SER B 371 13.15 23.51 8.00
N MET B 372 13.15 22.72 9.08
CA MET B 372 12.39 23.05 10.31
C MET B 372 13.24 22.78 11.53
N GLY B 373 12.92 23.45 12.63
CA GLY B 373 13.52 23.18 13.93
C GLY B 373 13.07 21.84 14.49
N ALA B 374 13.89 21.32 15.40
CA ALA B 374 13.66 19.99 15.98
C ALA B 374 12.29 19.85 16.64
N GLU B 375 11.82 20.92 17.26
CA GLU B 375 10.51 20.94 17.92
C GLU B 375 9.28 20.76 16.99
N LYS B 376 9.49 20.92 15.68
CA LYS B 376 8.48 20.65 14.67
C LYS B 376 8.60 19.28 14.00
N VAL B 377 9.66 18.53 14.33
CA VAL B 377 9.82 17.16 13.85
C VAL B 377 8.99 16.25 14.77
N GLY B 378 8.14 15.42 14.16
CA GLY B 378 7.23 14.55 14.87
C GLY B 378 7.23 13.13 14.36
N LEU B 379 8.42 12.62 14.08
CA LEU B 379 8.60 11.32 13.51
C LEU B 379 9.79 10.68 14.20
N VAL B 380 9.62 9.44 14.64
CA VAL B 380 10.65 8.66 15.31
C VAL B 380 10.80 7.33 14.58
N LEU B 381 11.99 7.10 14.03
CA LEU B 381 12.35 5.86 13.35
C LEU B 381 13.29 5.06 14.23
N GLN B 382 13.19 3.73 14.16
CA GLN B 382 13.90 2.84 15.11
C GLN B 382 15.38 2.66 14.80
#